data_1K8J
# 
_entry.id   1K8J 
# 
_audit_conform.dict_name       mmcif_pdbx.dic 
_audit_conform.dict_version    5.392 
_audit_conform.dict_location   http://mmcif.pdb.org/dictionaries/ascii/mmcif_pdbx.dic 
# 
loop_
_database_2.database_id 
_database_2.database_code 
_database_2.pdbx_database_accession 
_database_2.pdbx_DOI 
PDB   1K8J         pdb_00001k8j 10.2210/pdb1k8j/pdb 
RCSB  RCSB014693   ?            ?                   
WWPDB D_1000014693 ?            ?                   
# 
loop_
_pdbx_audit_revision_history.ordinal 
_pdbx_audit_revision_history.data_content_type 
_pdbx_audit_revision_history.major_revision 
_pdbx_audit_revision_history.minor_revision 
_pdbx_audit_revision_history.revision_date 
1 'Structure model' 1 0 2003-04-15 
2 'Structure model' 1 1 2008-04-27 
3 'Structure model' 1 2 2011-07-13 
4 'Structure model' 1 3 2022-02-23 
5 'Structure model' 1 4 2024-05-22 
# 
_pdbx_audit_revision_details.ordinal             1 
_pdbx_audit_revision_details.revision_ordinal    1 
_pdbx_audit_revision_details.data_content_type   'Structure model' 
_pdbx_audit_revision_details.provider            repository 
_pdbx_audit_revision_details.type                'Initial release' 
_pdbx_audit_revision_details.description         ? 
_pdbx_audit_revision_details.details             ? 
# 
loop_
_pdbx_audit_revision_group.ordinal 
_pdbx_audit_revision_group.revision_ordinal 
_pdbx_audit_revision_group.data_content_type 
_pdbx_audit_revision_group.group 
1 2 'Structure model' 'Version format compliance' 
2 3 'Structure model' 'Version format compliance' 
3 4 'Structure model' 'Data collection'           
4 4 'Structure model' 'Database references'       
5 4 'Structure model' 'Derived calculations'      
6 5 'Structure model' 'Data collection'           
# 
loop_
_pdbx_audit_revision_category.ordinal 
_pdbx_audit_revision_category.revision_ordinal 
_pdbx_audit_revision_category.data_content_type 
_pdbx_audit_revision_category.category 
1 4 'Structure model' database_2            
2 4 'Structure model' pdbx_nmr_software     
3 4 'Structure model' pdbx_struct_assembly  
4 4 'Structure model' pdbx_struct_oper_list 
5 5 'Structure model' chem_comp_atom        
6 5 'Structure model' chem_comp_bond        
# 
loop_
_pdbx_audit_revision_item.ordinal 
_pdbx_audit_revision_item.revision_ordinal 
_pdbx_audit_revision_item.data_content_type 
_pdbx_audit_revision_item.item 
1 4 'Structure model' '_database_2.pdbx_DOI'                
2 4 'Structure model' '_database_2.pdbx_database_accession' 
3 4 'Structure model' '_pdbx_nmr_software.name'             
# 
_pdbx_database_status.status_code                     REL 
_pdbx_database_status.entry_id                        1K8J 
_pdbx_database_status.recvd_initial_deposition_date   2001-10-24 
_pdbx_database_status.deposit_site                    RCSB 
_pdbx_database_status.process_site                    RCSB 
_pdbx_database_status.status_code_mr                  REL 
_pdbx_database_status.SG_entry                        . 
_pdbx_database_status.pdb_format_compatible           Y 
_pdbx_database_status.status_code_sf                  ? 
_pdbx_database_status.status_code_cs                  ? 
_pdbx_database_status.status_code_nmr_data            ? 
_pdbx_database_status.methods_development_category    ? 
# 
loop_
_pdbx_database_related.db_name 
_pdbx_database_related.db_id 
_pdbx_database_related.details 
_pdbx_database_related.content_type 
PDB 1K8L 'NMR Structure of CK14, an analog with 6 phosphorodithioates' unspecified 
PDB 1K8N 'NMR Structure of CK14, an analog with 2 phosphorodithioates' unspecified 
# 
loop_
_audit_author.name 
_audit_author.pdbx_ordinal 
'Volk, D.E.'        1 
'Yang, X.'          2 
'Fennewald, S.M.'   3 
'King, D.J.'        4 
'Bassett, S.E.'     5 
'Venkitachalam, S.' 6 
'Herzog, N.'        7 
'Luxon, B.A.'       8 
'Gorenstein, D.G.'  9 
# 
_citation.id                        primary 
_citation.title                     
'Solution structure and design of dithiophosphate backbone aptamers targeting transcription factor NF-kappaB' 
_citation.journal_abbrev            Bioorg.Chem. 
_citation.journal_volume            30 
_citation.page_first                396 
_citation.page_last                 419 
_citation.year                      2002 
_citation.journal_id_ASTM           BOCMBM 
_citation.country                   US 
_citation.journal_id_ISSN           0045-2068 
_citation.journal_id_CSD            0368 
_citation.book_publisher            ? 
_citation.pdbx_database_id_PubMed   12642125 
_citation.pdbx_database_id_DOI      '10.1016/S0045-2068(02)00510-2' 
# 
loop_
_citation_author.citation_id 
_citation_author.name 
_citation_author.ordinal 
_citation_author.identifier_ORCID 
primary 'Volk, D.E.'        1 ? 
primary 'Yang, X.'          2 ? 
primary 'Fennewald, S.M.'   3 ? 
primary 'King, D.J.'        4 ? 
primary 'Bassett, S.E.'     5 ? 
primary 'Venkitachalam, S.' 6 ? 
primary 'Herzog, N.'        7 ? 
primary 'Luxon, B.A.'       8 ? 
primary 'Gorenstein, D.G.'  9 ? 
# 
loop_
_entity.id 
_entity.type 
_entity.src_method 
_entity.pdbx_description 
_entity.formula_weight 
_entity.pdbx_number_of_molecules 
_entity.pdbx_ec 
_entity.pdbx_mutation 
_entity.pdbx_fragment 
_entity.details 
1 polymer syn 'FIRST STRAND OF CK14 DNA DUPLEX'  4249.781 1 ? ? ? 'CK14 IS A SUBUNIT OF THE NF-KB BINDING SITE CK1' 
2 polymer syn 'SECOND STRAND OF CK14 DNA DUPLEX' 4311.802 1 ? ? ? 'CK14 IS A SUBUNIT OF THE NF-KB BINDING SITE CK1' 
# 
loop_
_entity_poly.entity_id 
_entity_poly.type 
_entity_poly.nstd_linkage 
_entity_poly.nstd_monomer 
_entity_poly.pdbx_seq_one_letter_code 
_entity_poly.pdbx_seq_one_letter_code_can 
_entity_poly.pdbx_strand_id 
_entity_poly.pdbx_target_identifier 
1 polydeoxyribonucleotide no no '(DC)(DC)(DA)(DG)(DG)(DA)(DG)(DA)(DT)(DT)(DC)(DC)(DA)(DC)' CCAGGAGATTCCAC A ? 
2 polydeoxyribonucleotide no no '(DG)(DT)(DG)(DG)(DA)(DA)(DT)(DC)(DT)(DC)(DC)(DT)(DG)(DG)' GTGGAATCTCCTGG B ? 
# 
loop_
_entity_poly_seq.entity_id 
_entity_poly_seq.num 
_entity_poly_seq.mon_id 
_entity_poly_seq.hetero 
1 1  DC n 
1 2  DC n 
1 3  DA n 
1 4  DG n 
1 5  DG n 
1 6  DA n 
1 7  DG n 
1 8  DA n 
1 9  DT n 
1 10 DT n 
1 11 DC n 
1 12 DC n 
1 13 DA n 
1 14 DC n 
2 1  DG n 
2 2  DT n 
2 3  DG n 
2 4  DG n 
2 5  DA n 
2 6  DA n 
2 7  DT n 
2 8  DC n 
2 9  DT n 
2 10 DC n 
2 11 DC n 
2 12 DT n 
2 13 DG n 
2 14 DG n 
# 
loop_
_chem_comp.id 
_chem_comp.type 
_chem_comp.mon_nstd_flag 
_chem_comp.name 
_chem_comp.pdbx_synonyms 
_chem_comp.formula 
_chem_comp.formula_weight 
DA 'DNA linking' y "2'-DEOXYADENOSINE-5'-MONOPHOSPHATE" ? 'C10 H14 N5 O6 P' 331.222 
DC 'DNA linking' y "2'-DEOXYCYTIDINE-5'-MONOPHOSPHATE"  ? 'C9 H14 N3 O7 P'  307.197 
DG 'DNA linking' y "2'-DEOXYGUANOSINE-5'-MONOPHOSPHATE" ? 'C10 H14 N5 O7 P' 347.221 
DT 'DNA linking' y "THYMIDINE-5'-MONOPHOSPHATE"         ? 'C10 H15 N2 O8 P' 322.208 
# 
loop_
_pdbx_poly_seq_scheme.asym_id 
_pdbx_poly_seq_scheme.entity_id 
_pdbx_poly_seq_scheme.seq_id 
_pdbx_poly_seq_scheme.mon_id 
_pdbx_poly_seq_scheme.ndb_seq_num 
_pdbx_poly_seq_scheme.pdb_seq_num 
_pdbx_poly_seq_scheme.auth_seq_num 
_pdbx_poly_seq_scheme.pdb_mon_id 
_pdbx_poly_seq_scheme.auth_mon_id 
_pdbx_poly_seq_scheme.pdb_strand_id 
_pdbx_poly_seq_scheme.pdb_ins_code 
_pdbx_poly_seq_scheme.hetero 
A 1 1  DC 1  1  1  DC C A . n 
A 1 2  DC 2  2  2  DC C A . n 
A 1 3  DA 3  3  3  DA A A . n 
A 1 4  DG 4  4  4  DG G A . n 
A 1 5  DG 5  5  5  DG G A . n 
A 1 6  DA 6  6  6  DA A A . n 
A 1 7  DG 7  7  7  DG G A . n 
A 1 8  DA 8  8  8  DA A A . n 
A 1 9  DT 9  9  9  DT T A . n 
A 1 10 DT 10 10 10 DT T A . n 
A 1 11 DC 11 11 11 DC C A . n 
A 1 12 DC 12 12 12 DC C A . n 
A 1 13 DA 13 13 13 DA A A . n 
A 1 14 DC 14 14 14 DC C A . n 
B 2 1  DG 1  15 15 DG G B . n 
B 2 2  DT 2  16 16 DT T B . n 
B 2 3  DG 3  17 17 DG G B . n 
B 2 4  DG 4  18 18 DG G B . n 
B 2 5  DA 5  19 19 DA A B . n 
B 2 6  DA 6  20 20 DA A B . n 
B 2 7  DT 7  21 21 DT T B . n 
B 2 8  DC 8  22 22 DC C B . n 
B 2 9  DT 9  23 23 DT T B . n 
B 2 10 DC 10 24 24 DC C B . n 
B 2 11 DC 11 25 25 DC C B . n 
B 2 12 DT 12 26 26 DT T B . n 
B 2 13 DG 13 27 27 DG G B . n 
B 2 14 DG 14 28 28 DG G B . n 
# 
_exptl.entry_id          1K8J 
_exptl.method            'SOLUTION NMR' 
_exptl.crystals_number   ? 
# 
_struct.entry_id                  1K8J 
_struct.title                     'NMR STRUCTURE OF THE CK14 DNA DUPLEX: A PORTION OF THE KNOWN NF-kB SEQUENCE CK1' 
_struct.pdbx_model_details        ? 
_struct.pdbx_CASP_flag            ? 
_struct.pdbx_model_type_details   'minimized average' 
# 
_struct_keywords.entry_id        1K8J 
_struct_keywords.pdbx_keywords   DNA 
_struct_keywords.text            'DNA DUPLEX, CK14, CK1, NF-KB, DNA' 
# 
loop_
_struct_asym.id 
_struct_asym.pdbx_blank_PDB_chainid_flag 
_struct_asym.pdbx_modified 
_struct_asym.entity_id 
_struct_asym.details 
A N N 1 ? 
B N N 2 ? 
# 
loop_
_struct_ref.id 
_struct_ref.entity_id 
_struct_ref.db_name 
_struct_ref.db_code 
_struct_ref.pdbx_db_accession 
_struct_ref.pdbx_db_isoform 
_struct_ref.pdbx_seq_one_letter_code 
_struct_ref.pdbx_align_begin 
1 1 PDB 1K8J 1K8J ? ? ? 
2 2 PDB 1K8J 1K8J ? ? ? 
# 
loop_
_struct_ref_seq.align_id 
_struct_ref_seq.ref_id 
_struct_ref_seq.pdbx_PDB_id_code 
_struct_ref_seq.pdbx_strand_id 
_struct_ref_seq.seq_align_beg 
_struct_ref_seq.pdbx_seq_align_beg_ins_code 
_struct_ref_seq.seq_align_end 
_struct_ref_seq.pdbx_seq_align_end_ins_code 
_struct_ref_seq.pdbx_db_accession 
_struct_ref_seq.db_align_beg 
_struct_ref_seq.pdbx_db_align_beg_ins_code 
_struct_ref_seq.db_align_end 
_struct_ref_seq.pdbx_db_align_end_ins_code 
_struct_ref_seq.pdbx_auth_seq_align_beg 
_struct_ref_seq.pdbx_auth_seq_align_end 
1 1 1K8J A 1 ? 14 ? 1K8J 1  ? 14 ? 1  14 
2 2 1K8J B 1 ? 14 ? 1K8J 15 ? 28 ? 15 28 
# 
_pdbx_struct_assembly.id                   1 
_pdbx_struct_assembly.details              author_defined_assembly 
_pdbx_struct_assembly.method_details       ? 
_pdbx_struct_assembly.oligomeric_details   dimeric 
_pdbx_struct_assembly.oligomeric_count     2 
# 
_pdbx_struct_assembly_gen.assembly_id       1 
_pdbx_struct_assembly_gen.oper_expression   1 
_pdbx_struct_assembly_gen.asym_id_list      A,B 
# 
_pdbx_struct_oper_list.id                   1 
_pdbx_struct_oper_list.type                 'identity operation' 
_pdbx_struct_oper_list.name                 1_555 
_pdbx_struct_oper_list.symmetry_operation   x,y,z 
_pdbx_struct_oper_list.matrix[1][1]         1.0000000000 
_pdbx_struct_oper_list.matrix[1][2]         0.0000000000 
_pdbx_struct_oper_list.matrix[1][3]         0.0000000000 
_pdbx_struct_oper_list.vector[1]            0.0000000000 
_pdbx_struct_oper_list.matrix[2][1]         0.0000000000 
_pdbx_struct_oper_list.matrix[2][2]         1.0000000000 
_pdbx_struct_oper_list.matrix[2][3]         0.0000000000 
_pdbx_struct_oper_list.vector[2]            0.0000000000 
_pdbx_struct_oper_list.matrix[3][1]         0.0000000000 
_pdbx_struct_oper_list.matrix[3][2]         0.0000000000 
_pdbx_struct_oper_list.matrix[3][3]         1.0000000000 
_pdbx_struct_oper_list.vector[3]            0.0000000000 
# 
_struct_biol.id   1 
# 
loop_
_struct_conn.id 
_struct_conn.conn_type_id 
_struct_conn.pdbx_leaving_atom_flag 
_struct_conn.pdbx_PDB_id 
_struct_conn.ptnr1_label_asym_id 
_struct_conn.ptnr1_label_comp_id 
_struct_conn.ptnr1_label_seq_id 
_struct_conn.ptnr1_label_atom_id 
_struct_conn.pdbx_ptnr1_label_alt_id 
_struct_conn.pdbx_ptnr1_PDB_ins_code 
_struct_conn.pdbx_ptnr1_standard_comp_id 
_struct_conn.ptnr1_symmetry 
_struct_conn.ptnr2_label_asym_id 
_struct_conn.ptnr2_label_comp_id 
_struct_conn.ptnr2_label_seq_id 
_struct_conn.ptnr2_label_atom_id 
_struct_conn.pdbx_ptnr2_label_alt_id 
_struct_conn.pdbx_ptnr2_PDB_ins_code 
_struct_conn.ptnr1_auth_asym_id 
_struct_conn.ptnr1_auth_comp_id 
_struct_conn.ptnr1_auth_seq_id 
_struct_conn.ptnr2_auth_asym_id 
_struct_conn.ptnr2_auth_comp_id 
_struct_conn.ptnr2_auth_seq_id 
_struct_conn.ptnr2_symmetry 
_struct_conn.pdbx_ptnr3_label_atom_id 
_struct_conn.pdbx_ptnr3_label_seq_id 
_struct_conn.pdbx_ptnr3_label_comp_id 
_struct_conn.pdbx_ptnr3_label_asym_id 
_struct_conn.pdbx_ptnr3_label_alt_id 
_struct_conn.pdbx_ptnr3_PDB_ins_code 
_struct_conn.details 
_struct_conn.pdbx_dist_value 
_struct_conn.pdbx_value_order 
_struct_conn.pdbx_role 
hydrog1  hydrog ? ? A DC 1  N3 ? ? ? 1_555 B DG 14 N1 ? ? A DC 1  B DG 28 1_555 ? ? ? ? ? ? WATSON-CRICK ? ? ? 
hydrog2  hydrog ? ? A DC 1  N4 ? ? ? 1_555 B DG 14 O6 ? ? A DC 1  B DG 28 1_555 ? ? ? ? ? ? WATSON-CRICK ? ? ? 
hydrog3  hydrog ? ? A DC 1  O2 ? ? ? 1_555 B DG 14 N2 ? ? A DC 1  B DG 28 1_555 ? ? ? ? ? ? WATSON-CRICK ? ? ? 
hydrog4  hydrog ? ? A DC 2  N3 ? ? ? 1_555 B DG 13 N1 ? ? A DC 2  B DG 27 1_555 ? ? ? ? ? ? WATSON-CRICK ? ? ? 
hydrog5  hydrog ? ? A DC 2  N4 ? ? ? 1_555 B DG 13 O6 ? ? A DC 2  B DG 27 1_555 ? ? ? ? ? ? WATSON-CRICK ? ? ? 
hydrog6  hydrog ? ? A DC 2  O2 ? ? ? 1_555 B DG 13 N2 ? ? A DC 2  B DG 27 1_555 ? ? ? ? ? ? WATSON-CRICK ? ? ? 
hydrog7  hydrog ? ? A DA 3  N1 ? ? ? 1_555 B DT 12 N3 ? ? A DA 3  B DT 26 1_555 ? ? ? ? ? ? WATSON-CRICK ? ? ? 
hydrog8  hydrog ? ? A DA 3  N6 ? ? ? 1_555 B DT 12 O4 ? ? A DA 3  B DT 26 1_555 ? ? ? ? ? ? WATSON-CRICK ? ? ? 
hydrog9  hydrog ? ? A DG 4  N1 ? ? ? 1_555 B DC 11 N3 ? ? A DG 4  B DC 25 1_555 ? ? ? ? ? ? WATSON-CRICK ? ? ? 
hydrog10 hydrog ? ? A DG 4  N2 ? ? ? 1_555 B DC 11 O2 ? ? A DG 4  B DC 25 1_555 ? ? ? ? ? ? WATSON-CRICK ? ? ? 
hydrog11 hydrog ? ? A DG 4  O6 ? ? ? 1_555 B DC 11 N4 ? ? A DG 4  B DC 25 1_555 ? ? ? ? ? ? WATSON-CRICK ? ? ? 
hydrog12 hydrog ? ? A DG 5  N1 ? ? ? 1_555 B DC 10 N3 ? ? A DG 5  B DC 24 1_555 ? ? ? ? ? ? WATSON-CRICK ? ? ? 
hydrog13 hydrog ? ? A DG 5  N2 ? ? ? 1_555 B DC 10 O2 ? ? A DG 5  B DC 24 1_555 ? ? ? ? ? ? WATSON-CRICK ? ? ? 
hydrog14 hydrog ? ? A DG 5  O6 ? ? ? 1_555 B DC 10 N4 ? ? A DG 5  B DC 24 1_555 ? ? ? ? ? ? WATSON-CRICK ? ? ? 
hydrog15 hydrog ? ? A DA 6  N1 ? ? ? 1_555 B DT 9  N3 ? ? A DA 6  B DT 23 1_555 ? ? ? ? ? ? WATSON-CRICK ? ? ? 
hydrog16 hydrog ? ? A DA 6  N6 ? ? ? 1_555 B DT 9  O4 ? ? A DA 6  B DT 23 1_555 ? ? ? ? ? ? WATSON-CRICK ? ? ? 
hydrog17 hydrog ? ? A DG 7  N1 ? ? ? 1_555 B DC 8  N3 ? ? A DG 7  B DC 22 1_555 ? ? ? ? ? ? WATSON-CRICK ? ? ? 
hydrog18 hydrog ? ? A DG 7  N2 ? ? ? 1_555 B DC 8  O2 ? ? A DG 7  B DC 22 1_555 ? ? ? ? ? ? WATSON-CRICK ? ? ? 
hydrog19 hydrog ? ? A DG 7  O6 ? ? ? 1_555 B DC 8  N4 ? ? A DG 7  B DC 22 1_555 ? ? ? ? ? ? WATSON-CRICK ? ? ? 
hydrog20 hydrog ? ? A DA 8  N1 ? ? ? 1_555 B DT 7  N3 ? ? A DA 8  B DT 21 1_555 ? ? ? ? ? ? WATSON-CRICK ? ? ? 
hydrog21 hydrog ? ? A DA 8  N6 ? ? ? 1_555 B DT 7  O4 ? ? A DA 8  B DT 21 1_555 ? ? ? ? ? ? WATSON-CRICK ? ? ? 
hydrog22 hydrog ? ? A DT 9  N3 ? ? ? 1_555 B DA 6  N1 ? ? A DT 9  B DA 20 1_555 ? ? ? ? ? ? WATSON-CRICK ? ? ? 
hydrog23 hydrog ? ? A DT 9  O4 ? ? ? 1_555 B DA 6  N6 ? ? A DT 9  B DA 20 1_555 ? ? ? ? ? ? WATSON-CRICK ? ? ? 
hydrog24 hydrog ? ? A DT 10 N3 ? ? ? 1_555 B DA 5  N1 ? ? A DT 10 B DA 19 1_555 ? ? ? ? ? ? WATSON-CRICK ? ? ? 
hydrog25 hydrog ? ? A DT 10 O4 ? ? ? 1_555 B DA 5  N6 ? ? A DT 10 B DA 19 1_555 ? ? ? ? ? ? WATSON-CRICK ? ? ? 
hydrog26 hydrog ? ? A DC 11 N3 ? ? ? 1_555 B DG 4  N1 ? ? A DC 11 B DG 18 1_555 ? ? ? ? ? ? WATSON-CRICK ? ? ? 
hydrog27 hydrog ? ? A DC 11 N4 ? ? ? 1_555 B DG 4  O6 ? ? A DC 11 B DG 18 1_555 ? ? ? ? ? ? WATSON-CRICK ? ? ? 
hydrog28 hydrog ? ? A DC 11 O2 ? ? ? 1_555 B DG 4  N2 ? ? A DC 11 B DG 18 1_555 ? ? ? ? ? ? WATSON-CRICK ? ? ? 
hydrog29 hydrog ? ? A DC 12 N3 ? ? ? 1_555 B DG 3  N1 ? ? A DC 12 B DG 17 1_555 ? ? ? ? ? ? WATSON-CRICK ? ? ? 
hydrog30 hydrog ? ? A DC 12 N4 ? ? ? 1_555 B DG 3  O6 ? ? A DC 12 B DG 17 1_555 ? ? ? ? ? ? WATSON-CRICK ? ? ? 
hydrog31 hydrog ? ? A DC 12 O2 ? ? ? 1_555 B DG 3  N2 ? ? A DC 12 B DG 17 1_555 ? ? ? ? ? ? WATSON-CRICK ? ? ? 
hydrog32 hydrog ? ? A DA 13 N1 ? ? ? 1_555 B DT 2  N3 ? ? A DA 13 B DT 16 1_555 ? ? ? ? ? ? WATSON-CRICK ? ? ? 
hydrog33 hydrog ? ? A DA 13 N6 ? ? ? 1_555 B DT 2  O4 ? ? A DA 13 B DT 16 1_555 ? ? ? ? ? ? WATSON-CRICK ? ? ? 
hydrog34 hydrog ? ? A DC 14 N3 ? ? ? 1_555 B DG 1  N1 ? ? A DC 14 B DG 15 1_555 ? ? ? ? ? ? WATSON-CRICK ? ? ? 
hydrog35 hydrog ? ? A DC 14 N4 ? ? ? 1_555 B DG 1  O6 ? ? A DC 14 B DG 15 1_555 ? ? ? ? ? ? WATSON-CRICK ? ? ? 
hydrog36 hydrog ? ? A DC 14 O2 ? ? ? 1_555 B DG 1  N2 ? ? A DC 14 B DG 15 1_555 ? ? ? ? ? ? WATSON-CRICK ? ? ? 
# 
_struct_conn_type.id          hydrog 
_struct_conn_type.criteria    ? 
_struct_conn_type.reference   ? 
# 
loop_
_pdbx_validate_rmsd_angle.id 
_pdbx_validate_rmsd_angle.PDB_model_num 
_pdbx_validate_rmsd_angle.auth_atom_id_1 
_pdbx_validate_rmsd_angle.auth_asym_id_1 
_pdbx_validate_rmsd_angle.auth_comp_id_1 
_pdbx_validate_rmsd_angle.auth_seq_id_1 
_pdbx_validate_rmsd_angle.PDB_ins_code_1 
_pdbx_validate_rmsd_angle.label_alt_id_1 
_pdbx_validate_rmsd_angle.auth_atom_id_2 
_pdbx_validate_rmsd_angle.auth_asym_id_2 
_pdbx_validate_rmsd_angle.auth_comp_id_2 
_pdbx_validate_rmsd_angle.auth_seq_id_2 
_pdbx_validate_rmsd_angle.PDB_ins_code_2 
_pdbx_validate_rmsd_angle.label_alt_id_2 
_pdbx_validate_rmsd_angle.auth_atom_id_3 
_pdbx_validate_rmsd_angle.auth_asym_id_3 
_pdbx_validate_rmsd_angle.auth_comp_id_3 
_pdbx_validate_rmsd_angle.auth_seq_id_3 
_pdbx_validate_rmsd_angle.PDB_ins_code_3 
_pdbx_validate_rmsd_angle.label_alt_id_3 
_pdbx_validate_rmsd_angle.angle_value 
_pdbx_validate_rmsd_angle.angle_target_value 
_pdbx_validate_rmsd_angle.angle_deviation 
_pdbx_validate_rmsd_angle.angle_standard_deviation 
_pdbx_validate_rmsd_angle.linker_flag 
1  1 "O4'" A DC 1  ? ? "C1'" A DC 1  ? ? N1 A DC 1  ? ? 110.97 108.30 2.67  0.30 N 
2  1 "O4'" A DG 5  ? ? "C1'" A DG 5  ? ? N9 A DG 5  ? ? 110.62 108.30 2.32  0.30 N 
3  1 "O4'" A DG 7  ? ? "C1'" A DG 7  ? ? N9 A DG 7  ? ? 111.13 108.30 2.83  0.30 N 
4  1 "O4'" A DC 11 ? ? "C1'" A DC 11 ? ? N1 A DC 11 ? ? 110.24 108.30 1.94  0.30 N 
5  1 "O4'" B DG 15 ? ? "C1'" B DG 15 ? ? N9 B DG 15 ? ? 110.61 108.30 2.31  0.30 N 
6  1 "O4'" B DG 17 ? ? "C1'" B DG 17 ? ? N9 B DG 17 ? ? 113.12 108.30 4.82  0.30 N 
7  1 C5    B DA 20 ? ? C6    B DA 20 ? ? N1 B DA 20 ? ? 120.71 117.70 3.01  0.50 N 
8  1 C6    B DT 21 ? ? C5    B DT 21 ? ? C7 B DT 21 ? ? 119.18 122.90 -3.72 0.60 N 
9  1 "O4'" B DC 22 ? ? "C1'" B DC 22 ? ? N1 B DC 22 ? ? 112.07 108.30 3.77  0.30 N 
10 1 "O4'" B DG 27 ? ? "C1'" B DG 27 ? ? N9 B DG 27 ? ? 112.32 108.30 4.02  0.30 N 
# 
_pdbx_nmr_ensemble.entry_id                                      1K8J 
_pdbx_nmr_ensemble.conformers_calculated_total_number            10 
_pdbx_nmr_ensemble.conformers_submitted_total_number             1 
_pdbx_nmr_ensemble.conformer_selection_criteria                  'structures with the lowest energy' 
_pdbx_nmr_ensemble.average_constraints_per_residue               ? 
_pdbx_nmr_ensemble.average_constraint_violations_per_residue     ? 
_pdbx_nmr_ensemble.maximum_distance_constraint_violation         ? 
_pdbx_nmr_ensemble.average_distance_constraint_violation         ? 
_pdbx_nmr_ensemble.maximum_upper_distance_constraint_violation   ? 
_pdbx_nmr_ensemble.maximum_lower_distance_constraint_violation   ? 
_pdbx_nmr_ensemble.distance_constraint_violation_method          ? 
_pdbx_nmr_ensemble.maximum_torsion_angle_constraint_violation    ? 
_pdbx_nmr_ensemble.average_torsion_angle_constraint_violation    ? 
_pdbx_nmr_ensemble.torsion_angle_constraint_violation_method     ? 
# 
_pdbx_nmr_representative.entry_id             1K8J 
_pdbx_nmr_representative.conformer_id         1 
_pdbx_nmr_representative.selection_criteria   'minimized average structure' 
# 
loop_
_pdbx_nmr_sample_details.solution_id 
_pdbx_nmr_sample_details.contents 
_pdbx_nmr_sample_details.solvent_system 
1 '2 mM DNA DUPLEX; 12 mM Na2HPO4; 8 mM NaH2PO4; 56 mM NaCl; 50 uM NaN3' '90% H2O/10% D2O' 
2 '2 mM DNA DUPLEX; 12 mM Na2HPO4; 8 mM NaH2PO4; 56 mM NaCl; 50 uM NaN3' '99.96% D2O'      
# 
loop_
_pdbx_nmr_exptl_sample_conditions.conditions_id 
_pdbx_nmr_exptl_sample_conditions.temperature 
_pdbx_nmr_exptl_sample_conditions.pressure 
_pdbx_nmr_exptl_sample_conditions.pH 
_pdbx_nmr_exptl_sample_conditions.ionic_strength 
_pdbx_nmr_exptl_sample_conditions.pressure_units 
_pdbx_nmr_exptl_sample_conditions.temperature_units 
1 278 ambient 6.7 '100 mM' ? K 
2 288 ambient 6.7 '100 mM' ? K 
# 
loop_
_pdbx_nmr_exptl.experiment_id 
_pdbx_nmr_exptl.solution_id 
_pdbx_nmr_exptl.conditions_id 
_pdbx_nmr_exptl.type 
1 2 2 '2D NOESY' 
2 1 1 '2D NOESY' 
# 
_pdbx_nmr_details.entry_id   1K8J 
_pdbx_nmr_details.text       
;This structure was determined using standard 2D homonuclear techniques. 
Proton resonances were assigned using COSY, TOCSY, and NOESY data.
;
# 
_pdbx_nmr_refine.entry_id           1K8J 
_pdbx_nmr_refine.method             'molecular dynamics' 
_pdbx_nmr_refine.details            
;Distance restraints were derived by MORASS 2.5 using 
a total relaxation matrix approach. The deposited 
structure represents the average of 10 
final structures.
;
_pdbx_nmr_refine.software_ordinal   1 
# 
loop_
_pdbx_nmr_software.name 
_pdbx_nmr_software.version 
_pdbx_nmr_software.classification 
_pdbx_nmr_software.authors 
_pdbx_nmr_software.ordinal 
MORASS 2.5 'iterative matrix relaxation' Gorenstein         1 
Amber  5   refinement                    'Case and Kollman' 2 
# 
loop_
_chem_comp_atom.comp_id 
_chem_comp_atom.atom_id 
_chem_comp_atom.type_symbol 
_chem_comp_atom.pdbx_aromatic_flag 
_chem_comp_atom.pdbx_stereo_config 
_chem_comp_atom.pdbx_ordinal 
DA OP3    O N N 1   
DA P      P N N 2   
DA OP1    O N N 3   
DA OP2    O N N 4   
DA "O5'"  O N N 5   
DA "C5'"  C N N 6   
DA "C4'"  C N R 7   
DA "O4'"  O N N 8   
DA "C3'"  C N S 9   
DA "O3'"  O N N 10  
DA "C2'"  C N N 11  
DA "C1'"  C N R 12  
DA N9     N Y N 13  
DA C8     C Y N 14  
DA N7     N Y N 15  
DA C5     C Y N 16  
DA C6     C Y N 17  
DA N6     N N N 18  
DA N1     N Y N 19  
DA C2     C Y N 20  
DA N3     N Y N 21  
DA C4     C Y N 22  
DA HOP3   H N N 23  
DA HOP2   H N N 24  
DA "H5'"  H N N 25  
DA "H5''" H N N 26  
DA "H4'"  H N N 27  
DA "H3'"  H N N 28  
DA "HO3'" H N N 29  
DA "H2'"  H N N 30  
DA "H2''" H N N 31  
DA "H1'"  H N N 32  
DA H8     H N N 33  
DA H61    H N N 34  
DA H62    H N N 35  
DA H2     H N N 36  
DC OP3    O N N 37  
DC P      P N N 38  
DC OP1    O N N 39  
DC OP2    O N N 40  
DC "O5'"  O N N 41  
DC "C5'"  C N N 42  
DC "C4'"  C N R 43  
DC "O4'"  O N N 44  
DC "C3'"  C N S 45  
DC "O3'"  O N N 46  
DC "C2'"  C N N 47  
DC "C1'"  C N R 48  
DC N1     N N N 49  
DC C2     C N N 50  
DC O2     O N N 51  
DC N3     N N N 52  
DC C4     C N N 53  
DC N4     N N N 54  
DC C5     C N N 55  
DC C6     C N N 56  
DC HOP3   H N N 57  
DC HOP2   H N N 58  
DC "H5'"  H N N 59  
DC "H5''" H N N 60  
DC "H4'"  H N N 61  
DC "H3'"  H N N 62  
DC "HO3'" H N N 63  
DC "H2'"  H N N 64  
DC "H2''" H N N 65  
DC "H1'"  H N N 66  
DC H41    H N N 67  
DC H42    H N N 68  
DC H5     H N N 69  
DC H6     H N N 70  
DG OP3    O N N 71  
DG P      P N N 72  
DG OP1    O N N 73  
DG OP2    O N N 74  
DG "O5'"  O N N 75  
DG "C5'"  C N N 76  
DG "C4'"  C N R 77  
DG "O4'"  O N N 78  
DG "C3'"  C N S 79  
DG "O3'"  O N N 80  
DG "C2'"  C N N 81  
DG "C1'"  C N R 82  
DG N9     N Y N 83  
DG C8     C Y N 84  
DG N7     N Y N 85  
DG C5     C Y N 86  
DG C6     C N N 87  
DG O6     O N N 88  
DG N1     N N N 89  
DG C2     C N N 90  
DG N2     N N N 91  
DG N3     N N N 92  
DG C4     C Y N 93  
DG HOP3   H N N 94  
DG HOP2   H N N 95  
DG "H5'"  H N N 96  
DG "H5''" H N N 97  
DG "H4'"  H N N 98  
DG "H3'"  H N N 99  
DG "HO3'" H N N 100 
DG "H2'"  H N N 101 
DG "H2''" H N N 102 
DG "H1'"  H N N 103 
DG H8     H N N 104 
DG H1     H N N 105 
DG H21    H N N 106 
DG H22    H N N 107 
DT OP3    O N N 108 
DT P      P N N 109 
DT OP1    O N N 110 
DT OP2    O N N 111 
DT "O5'"  O N N 112 
DT "C5'"  C N N 113 
DT "C4'"  C N R 114 
DT "O4'"  O N N 115 
DT "C3'"  C N S 116 
DT "O3'"  O N N 117 
DT "C2'"  C N N 118 
DT "C1'"  C N R 119 
DT N1     N N N 120 
DT C2     C N N 121 
DT O2     O N N 122 
DT N3     N N N 123 
DT C4     C N N 124 
DT O4     O N N 125 
DT C5     C N N 126 
DT C7     C N N 127 
DT C6     C N N 128 
DT HOP3   H N N 129 
DT HOP2   H N N 130 
DT "H5'"  H N N 131 
DT "H5''" H N N 132 
DT "H4'"  H N N 133 
DT "H3'"  H N N 134 
DT "HO3'" H N N 135 
DT "H2'"  H N N 136 
DT "H2''" H N N 137 
DT "H1'"  H N N 138 
DT H3     H N N 139 
DT H71    H N N 140 
DT H72    H N N 141 
DT H73    H N N 142 
DT H6     H N N 143 
# 
loop_
_chem_comp_bond.comp_id 
_chem_comp_bond.atom_id_1 
_chem_comp_bond.atom_id_2 
_chem_comp_bond.value_order 
_chem_comp_bond.pdbx_aromatic_flag 
_chem_comp_bond.pdbx_stereo_config 
_chem_comp_bond.pdbx_ordinal 
DA OP3   P      sing N N 1   
DA OP3   HOP3   sing N N 2   
DA P     OP1    doub N N 3   
DA P     OP2    sing N N 4   
DA P     "O5'"  sing N N 5   
DA OP2   HOP2   sing N N 6   
DA "O5'" "C5'"  sing N N 7   
DA "C5'" "C4'"  sing N N 8   
DA "C5'" "H5'"  sing N N 9   
DA "C5'" "H5''" sing N N 10  
DA "C4'" "O4'"  sing N N 11  
DA "C4'" "C3'"  sing N N 12  
DA "C4'" "H4'"  sing N N 13  
DA "O4'" "C1'"  sing N N 14  
DA "C3'" "O3'"  sing N N 15  
DA "C3'" "C2'"  sing N N 16  
DA "C3'" "H3'"  sing N N 17  
DA "O3'" "HO3'" sing N N 18  
DA "C2'" "C1'"  sing N N 19  
DA "C2'" "H2'"  sing N N 20  
DA "C2'" "H2''" sing N N 21  
DA "C1'" N9     sing N N 22  
DA "C1'" "H1'"  sing N N 23  
DA N9    C8     sing Y N 24  
DA N9    C4     sing Y N 25  
DA C8    N7     doub Y N 26  
DA C8    H8     sing N N 27  
DA N7    C5     sing Y N 28  
DA C5    C6     sing Y N 29  
DA C5    C4     doub Y N 30  
DA C6    N6     sing N N 31  
DA C6    N1     doub Y N 32  
DA N6    H61    sing N N 33  
DA N6    H62    sing N N 34  
DA N1    C2     sing Y N 35  
DA C2    N3     doub Y N 36  
DA C2    H2     sing N N 37  
DA N3    C4     sing Y N 38  
DC OP3   P      sing N N 39  
DC OP3   HOP3   sing N N 40  
DC P     OP1    doub N N 41  
DC P     OP2    sing N N 42  
DC P     "O5'"  sing N N 43  
DC OP2   HOP2   sing N N 44  
DC "O5'" "C5'"  sing N N 45  
DC "C5'" "C4'"  sing N N 46  
DC "C5'" "H5'"  sing N N 47  
DC "C5'" "H5''" sing N N 48  
DC "C4'" "O4'"  sing N N 49  
DC "C4'" "C3'"  sing N N 50  
DC "C4'" "H4'"  sing N N 51  
DC "O4'" "C1'"  sing N N 52  
DC "C3'" "O3'"  sing N N 53  
DC "C3'" "C2'"  sing N N 54  
DC "C3'" "H3'"  sing N N 55  
DC "O3'" "HO3'" sing N N 56  
DC "C2'" "C1'"  sing N N 57  
DC "C2'" "H2'"  sing N N 58  
DC "C2'" "H2''" sing N N 59  
DC "C1'" N1     sing N N 60  
DC "C1'" "H1'"  sing N N 61  
DC N1    C2     sing N N 62  
DC N1    C6     sing N N 63  
DC C2    O2     doub N N 64  
DC C2    N3     sing N N 65  
DC N3    C4     doub N N 66  
DC C4    N4     sing N N 67  
DC C4    C5     sing N N 68  
DC N4    H41    sing N N 69  
DC N4    H42    sing N N 70  
DC C5    C6     doub N N 71  
DC C5    H5     sing N N 72  
DC C6    H6     sing N N 73  
DG OP3   P      sing N N 74  
DG OP3   HOP3   sing N N 75  
DG P     OP1    doub N N 76  
DG P     OP2    sing N N 77  
DG P     "O5'"  sing N N 78  
DG OP2   HOP2   sing N N 79  
DG "O5'" "C5'"  sing N N 80  
DG "C5'" "C4'"  sing N N 81  
DG "C5'" "H5'"  sing N N 82  
DG "C5'" "H5''" sing N N 83  
DG "C4'" "O4'"  sing N N 84  
DG "C4'" "C3'"  sing N N 85  
DG "C4'" "H4'"  sing N N 86  
DG "O4'" "C1'"  sing N N 87  
DG "C3'" "O3'"  sing N N 88  
DG "C3'" "C2'"  sing N N 89  
DG "C3'" "H3'"  sing N N 90  
DG "O3'" "HO3'" sing N N 91  
DG "C2'" "C1'"  sing N N 92  
DG "C2'" "H2'"  sing N N 93  
DG "C2'" "H2''" sing N N 94  
DG "C1'" N9     sing N N 95  
DG "C1'" "H1'"  sing N N 96  
DG N9    C8     sing Y N 97  
DG N9    C4     sing Y N 98  
DG C8    N7     doub Y N 99  
DG C8    H8     sing N N 100 
DG N7    C5     sing Y N 101 
DG C5    C6     sing N N 102 
DG C5    C4     doub Y N 103 
DG C6    O6     doub N N 104 
DG C6    N1     sing N N 105 
DG N1    C2     sing N N 106 
DG N1    H1     sing N N 107 
DG C2    N2     sing N N 108 
DG C2    N3     doub N N 109 
DG N2    H21    sing N N 110 
DG N2    H22    sing N N 111 
DG N3    C4     sing N N 112 
DT OP3   P      sing N N 113 
DT OP3   HOP3   sing N N 114 
DT P     OP1    doub N N 115 
DT P     OP2    sing N N 116 
DT P     "O5'"  sing N N 117 
DT OP2   HOP2   sing N N 118 
DT "O5'" "C5'"  sing N N 119 
DT "C5'" "C4'"  sing N N 120 
DT "C5'" "H5'"  sing N N 121 
DT "C5'" "H5''" sing N N 122 
DT "C4'" "O4'"  sing N N 123 
DT "C4'" "C3'"  sing N N 124 
DT "C4'" "H4'"  sing N N 125 
DT "O4'" "C1'"  sing N N 126 
DT "C3'" "O3'"  sing N N 127 
DT "C3'" "C2'"  sing N N 128 
DT "C3'" "H3'"  sing N N 129 
DT "O3'" "HO3'" sing N N 130 
DT "C2'" "C1'"  sing N N 131 
DT "C2'" "H2'"  sing N N 132 
DT "C2'" "H2''" sing N N 133 
DT "C1'" N1     sing N N 134 
DT "C1'" "H1'"  sing N N 135 
DT N1    C2     sing N N 136 
DT N1    C6     sing N N 137 
DT C2    O2     doub N N 138 
DT C2    N3     sing N N 139 
DT N3    C4     sing N N 140 
DT N3    H3     sing N N 141 
DT C4    O4     doub N N 142 
DT C4    C5     sing N N 143 
DT C5    C7     sing N N 144 
DT C5    C6     doub N N 145 
DT C7    H71    sing N N 146 
DT C7    H72    sing N N 147 
DT C7    H73    sing N N 148 
DT C6    H6     sing N N 149 
# 
loop_
_ndb_struct_conf_na.entry_id 
_ndb_struct_conf_na.feature 
1K8J 'double helix'        
1K8J 'b-form double helix' 
# 
loop_
_ndb_struct_na_base_pair.model_number 
_ndb_struct_na_base_pair.i_label_asym_id 
_ndb_struct_na_base_pair.i_label_comp_id 
_ndb_struct_na_base_pair.i_label_seq_id 
_ndb_struct_na_base_pair.i_symmetry 
_ndb_struct_na_base_pair.j_label_asym_id 
_ndb_struct_na_base_pair.j_label_comp_id 
_ndb_struct_na_base_pair.j_label_seq_id 
_ndb_struct_na_base_pair.j_symmetry 
_ndb_struct_na_base_pair.shear 
_ndb_struct_na_base_pair.stretch 
_ndb_struct_na_base_pair.stagger 
_ndb_struct_na_base_pair.buckle 
_ndb_struct_na_base_pair.propeller 
_ndb_struct_na_base_pair.opening 
_ndb_struct_na_base_pair.pair_number 
_ndb_struct_na_base_pair.pair_name 
_ndb_struct_na_base_pair.i_auth_asym_id 
_ndb_struct_na_base_pair.i_auth_seq_id 
_ndb_struct_na_base_pair.i_PDB_ins_code 
_ndb_struct_na_base_pair.j_auth_asym_id 
_ndb_struct_na_base_pair.j_auth_seq_id 
_ndb_struct_na_base_pair.j_PDB_ins_code 
_ndb_struct_na_base_pair.hbond_type_28 
_ndb_struct_na_base_pair.hbond_type_12 
1 A DC 1  1_555 B DG 14 1_555 0.392  -0.196 -0.019 17.458  -15.057 -1.057 1  A_DC1:DG28_B  A 1  ? B 28 ? 19 1 
1 A DC 2  1_555 B DG 13 1_555 0.375  -0.230 0.188  2.782   -10.959 -0.647 2  A_DC2:DG27_B  A 2  ? B 27 ? 19 1 
1 A DA 3  1_555 B DT 12 1_555 0.165  -0.099 -0.139 -2.199  -6.685  -3.296 3  A_DA3:DT26_B  A 3  ? B 26 ? 20 1 
1 A DG 4  1_555 B DC 11 1_555 -0.320 -0.209 0.278  6.144   -2.578  -0.926 4  A_DG4:DC25_B  A 4  ? B 25 ? 19 1 
1 A DG 5  1_555 B DC 10 1_555 -0.423 -0.247 -0.200 -4.831  -11.270 -0.864 5  A_DG5:DC24_B  A 5  ? B 24 ? 19 1 
1 A DA 6  1_555 B DT 9  1_555 0.272  -0.066 -0.215 -5.359  -9.673  -3.526 6  A_DA6:DT23_B  A 6  ? B 23 ? 20 1 
1 A DG 7  1_555 B DC 8  1_555 -0.405 -0.239 0.121  -0.472  -15.897 -0.511 7  A_DG7:DC22_B  A 7  ? B 22 ? 19 1 
1 A DA 8  1_555 B DT 7  1_555 0.192  -0.079 0.000  -6.342  -9.385  -3.096 8  A_DA8:DT21_B  A 8  ? B 21 ? 20 1 
1 A DT 9  1_555 B DA 6  1_555 -0.168 -0.089 0.176  -7.378  -11.127 -4.384 9  A_DT9:DA20_B  A 9  ? B 20 ? 20 1 
1 A DT 10 1_555 B DA 5  1_555 -0.169 -0.103 -0.153 -8.022  -14.229 -2.260 10 A_DT10:DA19_B A 10 ? B 19 ? 20 1 
1 A DC 11 1_555 B DG 4  1_555 0.315  -0.188 0.160  -11.268 -2.066  -1.552 11 A_DC11:DG18_B A 11 ? B 18 ? 19 1 
1 A DC 12 1_555 B DG 3  1_555 0.353  -0.204 0.063  -7.739  4.468   -0.220 12 A_DC12:DG17_B A 12 ? B 17 ? 19 1 
1 A DA 13 1_555 B DT 2  1_555 0.270  -0.078 0.057  0.826   -4.719  -3.164 13 A_DA13:DT16_B A 13 ? B 16 ? 20 1 
1 A DC 14 1_555 B DG 1  1_555 0.478  -0.229 0.114  7.011   -4.395  -0.077 14 A_DC14:DG15_B A 14 ? B 15 ? 19 1 
# 
loop_
_ndb_struct_na_base_pair_step.model_number 
_ndb_struct_na_base_pair_step.i_label_asym_id_1 
_ndb_struct_na_base_pair_step.i_label_comp_id_1 
_ndb_struct_na_base_pair_step.i_label_seq_id_1 
_ndb_struct_na_base_pair_step.i_symmetry_1 
_ndb_struct_na_base_pair_step.j_label_asym_id_1 
_ndb_struct_na_base_pair_step.j_label_comp_id_1 
_ndb_struct_na_base_pair_step.j_label_seq_id_1 
_ndb_struct_na_base_pair_step.j_symmetry_1 
_ndb_struct_na_base_pair_step.i_label_asym_id_2 
_ndb_struct_na_base_pair_step.i_label_comp_id_2 
_ndb_struct_na_base_pair_step.i_label_seq_id_2 
_ndb_struct_na_base_pair_step.i_symmetry_2 
_ndb_struct_na_base_pair_step.j_label_asym_id_2 
_ndb_struct_na_base_pair_step.j_label_comp_id_2 
_ndb_struct_na_base_pair_step.j_label_seq_id_2 
_ndb_struct_na_base_pair_step.j_symmetry_2 
_ndb_struct_na_base_pair_step.shift 
_ndb_struct_na_base_pair_step.slide 
_ndb_struct_na_base_pair_step.rise 
_ndb_struct_na_base_pair_step.tilt 
_ndb_struct_na_base_pair_step.roll 
_ndb_struct_na_base_pair_step.twist 
_ndb_struct_na_base_pair_step.x_displacement 
_ndb_struct_na_base_pair_step.y_displacement 
_ndb_struct_na_base_pair_step.helical_rise 
_ndb_struct_na_base_pair_step.inclination 
_ndb_struct_na_base_pair_step.tip 
_ndb_struct_na_base_pair_step.helical_twist 
_ndb_struct_na_base_pair_step.step_number 
_ndb_struct_na_base_pair_step.step_name 
_ndb_struct_na_base_pair_step.i_auth_asym_id_1 
_ndb_struct_na_base_pair_step.i_auth_seq_id_1 
_ndb_struct_na_base_pair_step.i_PDB_ins_code_1 
_ndb_struct_na_base_pair_step.j_auth_asym_id_1 
_ndb_struct_na_base_pair_step.j_auth_seq_id_1 
_ndb_struct_na_base_pair_step.j_PDB_ins_code_1 
_ndb_struct_na_base_pair_step.i_auth_asym_id_2 
_ndb_struct_na_base_pair_step.i_auth_seq_id_2 
_ndb_struct_na_base_pair_step.i_PDB_ins_code_2 
_ndb_struct_na_base_pair_step.j_auth_asym_id_2 
_ndb_struct_na_base_pair_step.j_auth_seq_id_2 
_ndb_struct_na_base_pair_step.j_PDB_ins_code_2 
1 A DC 1  1_555 B DG 14 1_555 A DC 2  1_555 B DG 13 1_555 -0.258 -1.235 3.572 -3.755 3.643  41.689 -2.132 -0.061 3.466 5.095  
5.251  42.002 1  AA_DC1DC2:DG27DG28_BB   A 1  ? B 28 ? A 2  ? B 27 ? 
1 A DC 2  1_555 B DG 13 1_555 A DA 3  1_555 B DT 12 1_555 -0.744 -0.865 3.229 1.075  9.618  28.552 -3.517 1.638  2.769 18.830 
-2.105 30.115 2  AA_DC2DA3:DT26DG27_BB   A 2  ? B 27 ? A 3  ? B 26 ? 
1 A DA 3  1_555 B DT 12 1_555 A DG 4  1_555 B DC 11 1_555 0.291  -0.649 3.023 -4.119 0.163  32.982 -1.160 -1.143 2.963 0.286  
7.220  33.231 3  AA_DA3DG4:DC25DT26_BB   A 3  ? B 26 ? A 4  ? B 25 ? 
1 A DG 4  1_555 B DC 11 1_555 A DG 5  1_555 B DC 10 1_555 0.453  -0.995 3.528 5.237  4.634  36.051 -2.259 0.047  3.409 7.402  
-8.365 36.701 4  AA_DG4DG5:DC24DC25_BB   A 4  ? B 25 ? A 5  ? B 24 ? 
1 A DG 5  1_555 B DC 10 1_555 A DA 6  1_555 B DT 9  1_555 -0.883 -0.341 3.248 -1.591 2.772  40.444 -0.799 1.097  3.250 4.002  
2.296  40.565 5  AA_DG5DA6:DT23DC24_BB   A 5  ? B 24 ? A 6  ? B 23 ? 
1 A DA 6  1_555 B DT 9  1_555 A DG 7  1_555 B DC 8  1_555 0.554  -0.562 3.163 -3.480 3.208  29.697 -1.708 -1.745 3.004 6.210  
6.736  30.063 6  AA_DA6DG7:DC22DT23_BB   A 6  ? B 23 ? A 7  ? B 22 ? 
1 A DG 7  1_555 B DC 8  1_555 A DA 8  1_555 B DT 7  1_555 -0.773 -0.898 3.326 -0.467 1.317  37.557 -1.567 1.138  3.303 2.045  
0.725  37.582 7  AA_DG7DA8:DT21DC22_BB   A 7  ? B 22 ? A 8  ? B 21 ? 
1 A DA 8  1_555 B DT 7  1_555 A DT 9  1_555 B DA 6  1_555 -0.228 -1.009 3.281 -0.655 -0.358 31.387 -1.797 0.297  3.296 -0.662 
1.210  31.396 8  AA_DA8DT9:DA20DT21_BB   A 8  ? B 21 ? A 9  ? B 20 ? 
1 A DT 9  1_555 B DA 6  1_555 A DT 10 1_555 B DA 5  1_555 0.104  -0.369 3.169 3.946  -0.251 38.137 -0.532 0.321  3.166 -0.383 
-6.020 38.334 9  AA_DT9DT10:DA19DA20_BB  A 9  ? B 20 ? A 10 ? B 19 ? 
1 A DT 10 1_555 B DA 5  1_555 A DC 11 1_555 B DG 4  1_555 0.775  -0.347 3.414 -0.812 1.939  37.663 -0.797 -1.308 3.376 3.000  
1.257  37.720 10 AA_DT10DC11:DG18DA19_BB A 10 ? B 19 ? A 11 ? B 18 ? 
1 A DC 11 1_555 B DG 4  1_555 A DC 12 1_555 B DG 3  1_555 0.527  -0.045 3.302 1.820  -1.721 41.448 0.122  -0.548 3.320 -2.429 
-2.569 41.520 11 AA_DC11DC12:DG17DG18_BB A 11 ? B 18 ? A 12 ? B 17 ? 
1 A DC 12 1_555 B DG 3  1_555 A DA 13 1_555 B DT 2  1_555 -1.743 0.038  3.069 -1.178 -1.318 31.675 0.300  2.984  3.126 -2.413 
2.156  31.723 12 AA_DC12DA13:DT16DG17_BB A 12 ? B 17 ? A 13 ? B 16 ? 
1 A DA 13 1_555 B DT 2  1_555 A DC 14 1_555 B DG 1  1_555 0.852  -0.757 3.197 -1.570 -2.179 35.982 -0.920 -1.594 3.197 -3.521 
2.537  36.078 13 AA_DA13DC14:DG15DT16_BB A 13 ? B 16 ? A 14 ? B 15 ? 
# 
loop_
_pdbx_nmr_spectrometer.spectrometer_id 
_pdbx_nmr_spectrometer.type 
_pdbx_nmr_spectrometer.manufacturer 
_pdbx_nmr_spectrometer.model 
_pdbx_nmr_spectrometer.field_strength 
1 ? Varian UNITYPLUS 750 
2 ? Varian UNITYPLUS 600 
# 
_atom_sites.entry_id                    1K8J 
_atom_sites.fract_transf_matrix[1][1]   1.000000 
_atom_sites.fract_transf_matrix[1][2]   0.000000 
_atom_sites.fract_transf_matrix[1][3]   0.000000 
_atom_sites.fract_transf_matrix[2][1]   0.000000 
_atom_sites.fract_transf_matrix[2][2]   1.000000 
_atom_sites.fract_transf_matrix[2][3]   0.000000 
_atom_sites.fract_transf_matrix[3][1]   0.000000 
_atom_sites.fract_transf_matrix[3][2]   0.000000 
_atom_sites.fract_transf_matrix[3][3]   1.000000 
_atom_sites.fract_transf_vector[1]      0.00000 
_atom_sites.fract_transf_vector[2]      0.00000 
_atom_sites.fract_transf_vector[3]      0.00000 
# 
loop_
_atom_type.symbol 
C 
H 
N 
O 
P 
# 
loop_
_atom_site.group_PDB 
_atom_site.id 
_atom_site.type_symbol 
_atom_site.label_atom_id 
_atom_site.label_alt_id 
_atom_site.label_comp_id 
_atom_site.label_asym_id 
_atom_site.label_entity_id 
_atom_site.label_seq_id 
_atom_site.pdbx_PDB_ins_code 
_atom_site.Cartn_x 
_atom_site.Cartn_y 
_atom_site.Cartn_z 
_atom_site.occupancy 
_atom_site.B_iso_or_equiv 
_atom_site.pdbx_formal_charge 
_atom_site.auth_seq_id 
_atom_site.auth_comp_id 
_atom_site.auth_asym_id 
_atom_site.auth_atom_id 
_atom_site.pdbx_PDB_model_num 
ATOM 1   O "O5'"  . DC A 1 1  ? -6.814  -22.124 1.070   1.00 10.00 ? 1  DC A "O5'"  1 
ATOM 2   C "C5'"  . DC A 1 1  ? -6.135  -21.017 1.631   1.00 10.00 ? 1  DC A "C5'"  1 
ATOM 3   C "C4'"  . DC A 1 1  ? -4.653  -21.108 1.261   1.00 10.00 ? 1  DC A "C4'"  1 
ATOM 4   O "O4'"  . DC A 1 1  ? -4.541  -21.092 -0.160  1.00 10.00 ? 1  DC A "O4'"  1 
ATOM 5   C "C3'"  . DC A 1 1  ? -3.843  -19.916 1.790   1.00 10.00 ? 1  DC A "C3'"  1 
ATOM 6   O "O3'"  . DC A 1 1  ? -2.624  -20.397 2.331   1.00 10.00 ? 1  DC A "O3'"  1 
ATOM 7   C "C2'"  . DC A 1 1  ? -3.610  -19.095 0.526   1.00 10.00 ? 1  DC A "C2'"  1 
ATOM 8   C "C1'"  . DC A 1 1  ? -3.476  -20.223 -0.491  1.00 10.00 ? 1  DC A "C1'"  1 
ATOM 9   N N1     . DC A 1 1  ? -3.569  -19.782 -1.910  1.00 10.00 ? 1  DC A N1     1 
ATOM 10  C C2     . DC A 1 1  ? -2.509  -20.071 -2.777  1.00 10.00 ? 1  DC A C2     1 
ATOM 11  O O2     . DC A 1 1  ? -1.489  -20.639 -2.391  1.00 10.00 ? 1  DC A O2     1 
ATOM 12  N N3     . DC A 1 1  ? -2.583  -19.715 -4.083  1.00 10.00 ? 1  DC A N3     1 
ATOM 13  C C4     . DC A 1 1  ? -3.651  -19.075 -4.528  1.00 10.00 ? 1  DC A C4     1 
ATOM 14  N N4     . DC A 1 1  ? -3.645  -18.749 -5.796  1.00 10.00 ? 1  DC A N4     1 
ATOM 15  C C5     . DC A 1 1  ? -4.757  -18.747 -3.685  1.00 10.00 ? 1  DC A C5     1 
ATOM 16  C C6     . DC A 1 1  ? -4.682  -19.127 -2.384  1.00 10.00 ? 1  DC A C6     1 
ATOM 17  H "H5'"  . DC A 1 1  ? -6.247  -21.030 2.717   1.00 10.00 ? 1  DC A "H5'"  1 
ATOM 18  H "H5''" . DC A 1 1  ? -6.552  -20.088 1.241   1.00 10.00 ? 1  DC A "H5''" 1 
ATOM 19  H "H4'"  . DC A 1 1  ? -4.232  -22.031 1.664   1.00 10.00 ? 1  DC A "H4'"  1 
ATOM 20  H "H3'"  . DC A 1 1  ? -4.397  -19.348 2.540   1.00 10.00 ? 1  DC A "H3'"  1 
ATOM 21  H "H2'"  . DC A 1 1  ? -4.484  -18.476 0.325   1.00 10.00 ? 1  DC A "H2'"  1 
ATOM 22  H "H2''" . DC A 1 1  ? -2.712  -18.486 0.591   1.00 10.00 ? 1  DC A "H2''" 1 
ATOM 23  H "H1'"  . DC A 1 1  ? -2.522  -20.733 -0.309  1.00 10.00 ? 1  DC A "H1'"  1 
ATOM 24  H H41    . DC A 1 1  ? -2.809  -19.009 -6.328  1.00 10.00 ? 1  DC A H41    1 
ATOM 25  H H42    . DC A 1 1  ? -4.394  -18.230 -6.210  1.00 10.00 ? 1  DC A H42    1 
ATOM 26  H H5     . DC A 1 1  ? -5.631  -18.235 -4.055  1.00 10.00 ? 1  DC A H5     1 
ATOM 27  H H6     . DC A 1 1  ? -5.504  -18.929 -1.706  1.00 10.00 ? 1  DC A H6     1 
ATOM 28  H "HO5'" . DC A 1 1  ? -6.484  -22.233 0.169   1.00 10.00 ? 1  DC A "HO5'" 1 
ATOM 29  P P      . DC A 1 2  ? -1.608  -19.434 3.137   1.00 10.00 ? 2  DC A P      1 
ATOM 30  O OP1    . DC A 1 2  ? -1.145  -20.165 4.335   1.00 10.00 ? 2  DC A OP1    1 
ATOM 31  O OP2    . DC A 1 2  ? -2.248  -18.108 3.277   1.00 10.00 ? 2  DC A OP2    1 
ATOM 32  O "O5'"  . DC A 1 2  ? -0.374  -19.288 2.107   1.00 10.00 ? 2  DC A "O5'"  1 
ATOM 33  C "C5'"  . DC A 1 2  ? 0.528   -20.365 1.897   1.00 10.00 ? 2  DC A "C5'"  1 
ATOM 34  C "C4'"  . DC A 1 2  ? 1.760   -19.964 1.069   1.00 10.00 ? 2  DC A "C4'"  1 
ATOM 35  O "O4'"  . DC A 1 2  ? 1.370   -19.648 -0.260  1.00 10.00 ? 2  DC A "O4'"  1 
ATOM 36  C "C3'"  . DC A 1 2  ? 2.515   -18.759 1.644   1.00 10.00 ? 2  DC A "C3'"  1 
ATOM 37  O "O3'"  . DC A 1 2  ? 3.911   -18.994 1.528   1.00 10.00 ? 2  DC A "O3'"  1 
ATOM 38  C "C2'"  . DC A 1 2  ? 2.041   -17.620 0.751   1.00 10.00 ? 2  DC A "C2'"  1 
ATOM 39  C "C1'"  . DC A 1 2  ? 1.834   -18.349 -0.580  1.00 10.00 ? 2  DC A "C1'"  1 
ATOM 40  N N1     . DC A 1 2  ? 0.833   -17.709 -1.476  1.00 10.00 ? 2  DC A N1     1 
ATOM 41  C C2     . DC A 1 2  ? 1.188   -17.428 -2.799  1.00 10.00 ? 2  DC A C2     1 
ATOM 42  O O2     . DC A 1 2  ? 2.335   -17.593 -3.211  1.00 10.00 ? 2  DC A O2     1 
ATOM 43  N N3     . DC A 1 2  ? 0.255   -16.968 -3.670  1.00 10.00 ? 2  DC A N3     1 
ATOM 44  C C4     . DC A 1 2  ? -0.973  -16.744 -3.243  1.00 10.00 ? 2  DC A C4     1 
ATOM 45  N N4     . DC A 1 2  ? -1.816  -16.279 -4.132  1.00 10.00 ? 2  DC A N4     1 
ATOM 46  C C5     . DC A 1 2  ? -1.390  -16.996 -1.901  1.00 10.00 ? 2  DC A C5     1 
ATOM 47  C C6     . DC A 1 2  ? -0.455  -17.490 -1.048  1.00 10.00 ? 2  DC A C6     1 
ATOM 48  H "H5'"  . DC A 1 2  ? 0.007   -21.178 1.391   1.00 10.00 ? 2  DC A "H5'"  1 
ATOM 49  H "H5''" . DC A 1 2  ? 0.876   -20.727 2.865   1.00 10.00 ? 2  DC A "H5''" 1 
ATOM 50  H "H4'"  . DC A 1 2  ? 2.442   -20.813 1.044   1.00 10.00 ? 2  DC A "H4'"  1 
ATOM 51  H "H3'"  . DC A 1 2  ? 2.241   -18.584 2.688   1.00 10.00 ? 2  DC A "H3'"  1 
ATOM 52  H "H2'"  . DC A 1 2  ? 1.108   -17.223 1.148   1.00 10.00 ? 2  DC A "H2'"  1 
ATOM 53  H "H2''" . DC A 1 2  ? 2.783   -16.828 0.669   1.00 10.00 ? 2  DC A "H2''" 1 
ATOM 54  H "H1'"  . DC A 1 2  ? 2.808   -18.428 -1.075  1.00 10.00 ? 2  DC A "H1'"  1 
ATOM 55  H H41    . DC A 1 2  ? -1.454  -16.199 -5.089  1.00 10.00 ? 2  DC A H41    1 
ATOM 56  H H42    . DC A 1 2  ? -2.773  -16.103 -3.906  1.00 10.00 ? 2  DC A H42    1 
ATOM 57  H H5     . DC A 1 2  ? -2.396  -16.818 -1.561  1.00 10.00 ? 2  DC A H5     1 
ATOM 58  H H6     . DC A 1 2  ? -0.705  -17.734 -0.022  1.00 10.00 ? 2  DC A H6     1 
ATOM 59  P P      . DA A 1 3  ? 5.004   -18.036 2.236   1.00 10.00 ? 3  DA A P      1 
ATOM 60  O OP1    . DA A 1 3  ? 6.194   -18.860 2.544   1.00 10.00 ? 3  DA A OP1    1 
ATOM 61  O OP2    . DA A 1 3  ? 4.331   -17.278 3.311   1.00 10.00 ? 3  DA A OP2    1 
ATOM 62  O "O5'"  . DA A 1 3  ? 5.392   -17.006 1.056   1.00 10.00 ? 3  DA A "O5'"  1 
ATOM 63  C "C5'"  . DA A 1 3  ? 6.294   -17.386 0.030   1.00 10.00 ? 3  DA A "C5'"  1 
ATOM 64  C "C4'"  . DA A 1 3  ? 6.550   -16.262 -0.980  1.00 10.00 ? 3  DA A "C4'"  1 
ATOM 65  O "O4'"  . DA A 1 3  ? 5.399   -16.056 -1.788  1.00 10.00 ? 3  DA A "O4'"  1 
ATOM 66  C "C3'"  . DA A 1 3  ? 6.926   -14.917 -0.339  1.00 10.00 ? 3  DA A "C3'"  1 
ATOM 67  O "O3'"  . DA A 1 3  ? 8.102   -14.437 -0.975  1.00 10.00 ? 3  DA A "O3'"  1 
ATOM 68  C "C2'"  . DA A 1 3  ? 5.694   -14.063 -0.636  1.00 10.00 ? 3  DA A "C2'"  1 
ATOM 69  C "C1'"  . DA A 1 3  ? 5.227   -14.664 -1.959  1.00 10.00 ? 3  DA A "C1'"  1 
ATOM 70  N N9     . DA A 1 3  ? 3.809   -14.394 -2.274  1.00 10.00 ? 3  DA A N9     1 
ATOM 71  C C8     . DA A 1 3  ? 2.705   -14.540 -1.468  1.00 10.00 ? 3  DA A C8     1 
ATOM 72  N N7     . DA A 1 3  ? 1.565   -14.322 -2.066  1.00 10.00 ? 3  DA A N7     1 
ATOM 73  C C5     . DA A 1 3  ? 1.956   -13.979 -3.367  1.00 10.00 ? 3  DA A C5     1 
ATOM 74  C C6     . DA A 1 3  ? 1.265   -13.629 -4.548  1.00 10.00 ? 3  DA A C6     1 
ATOM 75  N N6     . DA A 1 3  ? -0.053  -13.593 -4.649  1.00 10.00 ? 3  DA A N6     1 
ATOM 76  N N1     . DA A 1 3  ? 1.934   -13.329 -5.668  1.00 10.00 ? 3  DA A N1     1 
ATOM 77  C C2     . DA A 1 3  ? 3.263   -13.386 -5.640  1.00 10.00 ? 3  DA A C2     1 
ATOM 78  N N3     . DA A 1 3  ? 4.042   -13.722 -4.617  1.00 10.00 ? 3  DA A N3     1 
ATOM 79  C C4     . DA A 1 3  ? 3.319   -14.005 -3.498  1.00 10.00 ? 3  DA A C4     1 
ATOM 80  H "H5'"  . DA A 1 3  ? 5.899   -18.255 -0.498  1.00 10.00 ? 3  DA A "H5'"  1 
ATOM 81  H "H5''" . DA A 1 3  ? 7.246   -17.662 0.487   1.00 10.00 ? 3  DA A "H5''" 1 
ATOM 82  H "H4'"  . DA A 1 3  ? 7.371   -16.569 -1.628  1.00 10.00 ? 3  DA A "H4'"  1 
ATOM 83  H "H3'"  . DA A 1 3  ? 7.086   -15.014 0.737   1.00 10.00 ? 3  DA A "H3'"  1 
ATOM 84  H "H2'"  . DA A 1 3  ? 4.956   -14.226 0.149   1.00 10.00 ? 3  DA A "H2'"  1 
ATOM 85  H "H2''" . DA A 1 3  ? 5.932   -13.004 -0.727  1.00 10.00 ? 3  DA A "H2''" 1 
ATOM 86  H "H1'"  . DA A 1 3  ? 5.869   -14.301 -2.768  1.00 10.00 ? 3  DA A "H1'"  1 
ATOM 87  H H8     . DA A 1 3  ? 2.777   -14.834 -0.432  1.00 10.00 ? 3  DA A H8     1 
ATOM 88  H H61    . DA A 1 3  ? -0.479  -13.347 -5.544  1.00 10.00 ? 3  DA A H61    1 
ATOM 89  H H62    . DA A 1 3  ? -0.601  -13.838 -3.844  1.00 10.00 ? 3  DA A H62    1 
ATOM 90  H H2     . DA A 1 3  ? 3.768   -13.139 -6.564  1.00 10.00 ? 3  DA A H2     1 
ATOM 91  P P      . DG A 1 4  ? 8.851   -13.078 -0.525  1.00 10.00 ? 4  DG A P      1 
ATOM 92  O OP1    . DG A 1 4  ? 10.310  -13.322 -0.571  1.00 10.00 ? 4  DG A OP1    1 
ATOM 93  O OP2    . DG A 1 4  ? 8.221   -12.570 0.712   1.00 10.00 ? 4  DG A OP2    1 
ATOM 94  O "O5'"  . DG A 1 4  ? 8.463   -12.093 -1.739  1.00 10.00 ? 4  DG A "O5'"  1 
ATOM 95  C "C5'"  . DG A 1 4  ? 9.018   -12.298 -3.029  1.00 10.00 ? 4  DG A "C5'"  1 
ATOM 96  C "C4'"  . DG A 1 4  ? 8.484   -11.308 -4.070  1.00 10.00 ? 4  DG A "C4'"  1 
ATOM 97  O "O4'"  . DG A 1 4  ? 7.092   -11.522 -4.262  1.00 10.00 ? 4  DG A "O4'"  1 
ATOM 98  C "C3'"  . DG A 1 4  ? 8.697   -9.834  -3.697  1.00 10.00 ? 4  DG A "C3'"  1 
ATOM 99  O "O3'"  . DG A 1 4  ? 9.206   -9.162  -4.842  1.00 10.00 ? 4  DG A "O3'"  1 
ATOM 100 C "C2'"  . DG A 1 4  ? 7.285   -9.397  -3.318  1.00 10.00 ? 4  DG A "C2'"  1 
ATOM 101 C "C1'"  . DG A 1 4  ? 6.446   -10.265 -4.251  1.00 10.00 ? 4  DG A "C1'"  1 
ATOM 102 N N9     . DG A 1 4  ? 5.049   -10.423 -3.793  1.00 10.00 ? 4  DG A N9     1 
ATOM 103 C C8     . DG A 1 4  ? 4.585   -10.799 -2.557  1.00 10.00 ? 4  DG A C8     1 
ATOM 104 N N7     . DG A 1 4  ? 3.285   -10.843 -2.462  1.00 10.00 ? 4  DG A N7     1 
ATOM 105 C C5     . DG A 1 4  ? 2.847   -10.460 -3.734  1.00 10.00 ? 4  DG A C5     1 
ATOM 106 C C6     . DG A 1 4  ? 1.528   -10.310 -4.287  1.00 10.00 ? 4  DG A C6     1 
ATOM 107 O O6     . DG A 1 4  ? 0.430   -10.493 -3.766  1.00 10.00 ? 4  DG A O6     1 
ATOM 108 N N1     . DG A 1 4  ? 1.533   -9.908  -5.611  1.00 10.00 ? 4  DG A N1     1 
ATOM 109 C C2     . DG A 1 4  ? 2.662   -9.694  -6.339  1.00 10.00 ? 4  DG A C2     1 
ATOM 110 N N2     . DG A 1 4  ? 2.509   -9.296  -7.579  1.00 10.00 ? 4  DG A N2     1 
ATOM 111 N N3     . DG A 1 4  ? 3.899   -9.836  -5.869  1.00 10.00 ? 4  DG A N3     1 
ATOM 112 C C4     . DG A 1 4  ? 3.927   -10.214 -4.556  1.00 10.00 ? 4  DG A C4     1 
ATOM 113 H "H5'"  . DG A 1 4  ? 8.786   -13.309 -3.363  1.00 10.00 ? 4  DG A "H5'"  1 
ATOM 114 H "H5''" . DG A 1 4  ? 10.103  -12.194 -2.968  1.00 10.00 ? 4  DG A "H5''" 1 
ATOM 115 H "H4'"  . DG A 1 4  ? 8.999   -11.498 -5.013  1.00 10.00 ? 4  DG A "H4'"  1 
ATOM 116 H "H3'"  . DG A 1 4  ? 9.382   -9.725  -2.854  1.00 10.00 ? 4  DG A "H3'"  1 
ATOM 117 H "H2'"  . DG A 1 4  ? 7.104   -9.657  -2.275  1.00 10.00 ? 4  DG A "H2'"  1 
ATOM 118 H "H2''" . DG A 1 4  ? 7.115   -8.334  -3.483  1.00 10.00 ? 4  DG A "H2''" 1 
ATOM 119 H "H1'"  . DG A 1 4  ? 6.461   -9.832  -5.256  1.00 10.00 ? 4  DG A "H1'"  1 
ATOM 120 H H8     . DG A 1 4  ? 5.250   -11.043 -1.741  1.00 10.00 ? 4  DG A H8     1 
ATOM 121 H H1     . DG A 1 4  ? 0.628   -9.791  -6.053  1.00 10.00 ? 4  DG A H1     1 
ATOM 122 H H21    . DG A 1 4  ? 1.580   -9.147  -7.988  1.00 10.00 ? 4  DG A H21    1 
ATOM 123 H H22    . DG A 1 4  ? 3.356   -9.159  -8.096  1.00 10.00 ? 4  DG A H22    1 
ATOM 124 P P      . DG A 1 5  ? 9.578   -7.592  -4.846  1.00 10.00 ? 5  DG A P      1 
ATOM 125 O OP1    . DG A 1 5  ? 10.735  -7.398  -5.748  1.00 10.00 ? 5  DG A OP1    1 
ATOM 126 O OP2    . DG A 1 5  ? 9.639   -7.114  -3.448  1.00 10.00 ? 5  DG A OP2    1 
ATOM 127 O "O5'"  . DG A 1 5  ? 8.274   -6.958  -5.551  1.00 10.00 ? 5  DG A "O5'"  1 
ATOM 128 C "C5'"  . DG A 1 5  ? 8.009   -7.206  -6.923  1.00 10.00 ? 5  DG A "C5'"  1 
ATOM 129 C "C4'"  . DG A 1 5  ? 6.737   -6.510  -7.422  1.00 10.00 ? 5  DG A "C4'"  1 
ATOM 130 O "O4'"  . DG A 1 5  ? 5.590   -7.077  -6.803  1.00 10.00 ? 5  DG A "O4'"  1 
ATOM 131 C "C3'"  . DG A 1 5  ? 6.718   -4.996  -7.164  1.00 10.00 ? 5  DG A "C3'"  1 
ATOM 132 O "O3'"  . DG A 1 5  ? 6.301   -4.352  -8.359  1.00 10.00 ? 5  DG A "O3'"  1 
ATOM 133 C "C2'"  . DG A 1 5  ? 5.686   -4.885  -6.046  1.00 10.00 ? 5  DG A "C2'"  1 
ATOM 134 C "C1'"  . DG A 1 5  ? 4.736   -6.017  -6.420  1.00 10.00 ? 5  DG A "C1'"  1 
ATOM 135 N N9     . DG A 1 5  ? 3.873   -6.426  -5.291  1.00 10.00 ? 5  DG A N9     1 
ATOM 136 C C8     . DG A 1 5  ? 4.247   -6.787  -4.022  1.00 10.00 ? 5  DG A C8     1 
ATOM 137 N N7     . DG A 1 5  ? 3.252   -7.062  -3.227  1.00 10.00 ? 5  DG A N7     1 
ATOM 138 C C5     . DG A 1 5  ? 2.125   -6.877  -4.033  1.00 10.00 ? 5  DG A C5     1 
ATOM 139 C C6     . DG A 1 5  ? 0.725   -7.027  -3.754  1.00 10.00 ? 5  DG A C6     1 
ATOM 140 O O6     . DG A 1 5  ? 0.164   -7.355  -2.710  1.00 10.00 ? 5  DG A O6     1 
ATOM 141 N N1     . DG A 1 5  ? -0.080  -6.747  -4.841  1.00 10.00 ? 5  DG A N1     1 
ATOM 142 C C2     . DG A 1 5  ? 0.385   -6.362  -6.060  1.00 10.00 ? 5  DG A C2     1 
ATOM 143 N N2     . DG A 1 5  ? -0.511  -6.050  -6.965  1.00 10.00 ? 5  DG A N2     1 
ATOM 144 N N3     . DG A 1 5  ? 1.675   -6.211  -6.359  1.00 10.00 ? 5  DG A N3     1 
ATOM 145 C C4     . DG A 1 5  ? 2.499   -6.487  -5.303  1.00 10.00 ? 5  DG A C4     1 
ATOM 146 H "H5'"  . DG A 1 5  ? 7.905   -8.281  -7.081  1.00 10.00 ? 5  DG A "H5'"  1 
ATOM 147 H "H5''" . DG A 1 5  ? 8.855   -6.850  -7.514  1.00 10.00 ? 5  DG A "H5''" 1 
ATOM 148 H "H4'"  . DG A 1 5  ? 6.664   -6.672  -8.498  1.00 10.00 ? 5  DG A "H4'"  1 
ATOM 149 H "H3'"  . DG A 1 5  ? 7.693   -4.626  -6.843  1.00 10.00 ? 5  DG A "H3'"  1 
ATOM 150 H "H2'"  . DG A 1 5  ? 6.174   -5.084  -5.092  1.00 10.00 ? 5  DG A "H2'"  1 
ATOM 151 H "H2''" . DG A 1 5  ? 5.186   -3.919  -6.026  1.00 10.00 ? 5  DG A "H2''" 1 
ATOM 152 H "H1'"  . DG A 1 5  ? 4.118   -5.710  -7.267  1.00 10.00 ? 5  DG A "H1'"  1 
ATOM 153 H H8     . DG A 1 5  ? 5.283   -6.838  -3.718  1.00 10.00 ? 5  DG A H8     1 
ATOM 154 H H1     . DG A 1 5  ? -1.079  -6.802  -4.679  1.00 10.00 ? 5  DG A H1     1 
ATOM 155 H H21    . DG A 1 5  ? -1.512  -6.041  -6.740  1.00 10.00 ? 5  DG A H21    1 
ATOM 156 H H22    . DG A 1 5  ? -0.153  -5.703  -7.837  1.00 10.00 ? 5  DG A H22    1 
ATOM 157 P P      . DA A 1 6  ? 6.263   -2.746  -8.529  1.00 10.00 ? 6  DA A P      1 
ATOM 158 O OP1    . DA A 1 6  ? 6.981   -2.399  -9.775  1.00 10.00 ? 6  DA A OP1    1 
ATOM 159 O OP2    . DA A 1 6  ? 6.649   -2.114  -7.250  1.00 10.00 ? 6  DA A OP2    1 
ATOM 160 O "O5'"  . DA A 1 6  ? 4.690   -2.494  -8.759  1.00 10.00 ? 6  DA A "O5'"  1 
ATOM 161 C "C5'"  . DA A 1 6  ? 4.048   -2.970  -9.932  1.00 10.00 ? 6  DA A "C5'"  1 
ATOM 162 C "C4'"  . DA A 1 6  ? 2.595   -2.491  -10.063 1.00 10.00 ? 6  DA A "C4'"  1 
ATOM 163 O "O4'"  . DA A 1 6  ? 1.792   -3.075  -9.047  1.00 10.00 ? 6  DA A "O4'"  1 
ATOM 164 C "C3'"  . DA A 1 6  ? 2.453   -0.968  -9.977  1.00 10.00 ? 6  DA A "C3'"  1 
ATOM 165 O "O3'"  . DA A 1 6  ? 1.478   -0.555  -10.925 1.00 10.00 ? 6  DA A "O3'"  1 
ATOM 166 C "C2'"  . DA A 1 6  ? 2.023   -0.773  -8.527  1.00 10.00 ? 6  DA A "C2'"  1 
ATOM 167 C "C1'"  . DA A 1 6  ? 1.241   -2.054  -8.232  1.00 10.00 ? 6  DA A "C1'"  1 
ATOM 168 N N9     . DA A 1 6  ? 1.348   -2.483  -6.819  1.00 10.00 ? 6  DA A N9     1 
ATOM 169 C C8     . DA A 1 6  ? 2.481   -2.672  -6.065  1.00 10.00 ? 6  DA A C8     1 
ATOM 170 N N7     . DA A 1 6  ? 2.257   -3.094  -4.848  1.00 10.00 ? 6  DA A N7     1 
ATOM 171 C C5     . DA A 1 6  ? 0.860   -3.191  -4.803  1.00 10.00 ? 6  DA A C5     1 
ATOM 172 C C6     . DA A 1 6  ? -0.072  -3.595  -3.820  1.00 10.00 ? 6  DA A C6     1 
ATOM 173 N N6     . DA A 1 6  ? 0.261   -4.008  -2.610  1.00 10.00 ? 6  DA A N6     1 
ATOM 174 N N1     . DA A 1 6  ? -1.385  -3.599  -4.085  1.00 10.00 ? 6  DA A N1     1 
ATOM 175 C C2     . DA A 1 6  ? -1.782  -3.219  -5.296  1.00 10.00 ? 6  DA A C2     1 
ATOM 176 N N3     . DA A 1 6  ? -1.026  -2.816  -6.312  1.00 10.00 ? 6  DA A N3     1 
ATOM 177 C C4     . DA A 1 6  ? 0.300   -2.827  -5.999  1.00 10.00 ? 6  DA A C4     1 
ATOM 178 H "H5'"  . DA A 1 6  ? 4.062   -4.060  -9.932  1.00 10.00 ? 6  DA A "H5'"  1 
ATOM 179 H "H5''" . DA A 1 6  ? 4.602   -2.618  -10.804 1.00 10.00 ? 6  DA A "H5''" 1 
ATOM 180 H "H4'"  . DA A 1 6  ? 2.221   -2.817  -11.034 1.00 10.00 ? 6  DA A "H4'"  1 
ATOM 181 H "H3'"  . DA A 1 6  ? 3.405   -0.469  -10.174 1.00 10.00 ? 6  DA A "H3'"  1 
ATOM 182 H "H2'"  . DA A 1 6  ? 2.914   -0.703  -7.904  1.00 10.00 ? 6  DA A "H2'"  1 
ATOM 183 H "H2''" . DA A 1 6  ? 1.406   0.114   -8.394  1.00 10.00 ? 6  DA A "H2''" 1 
ATOM 184 H "H1'"  . DA A 1 6  ? 0.190   -1.902  -8.498  1.00 10.00 ? 6  DA A "H1'"  1 
ATOM 185 H H8     . DA A 1 6  ? 3.474   -2.493  -6.459  1.00 10.00 ? 6  DA A H8     1 
ATOM 186 H H61    . DA A 1 6  ? -0.474  -4.348  -1.987  1.00 10.00 ? 6  DA A H61    1 
ATOM 187 H H62    . DA A 1 6  ? 1.234   -4.027  -2.356  1.00 10.00 ? 6  DA A H62    1 
ATOM 188 H H2     . DA A 1 6  ? -2.848  -3.237  -5.475  1.00 10.00 ? 6  DA A H2     1 
ATOM 189 P P      . DG A 1 7  ? 1.139   0.999   -11.204 1.00 10.00 ? 7  DG A P      1 
ATOM 190 O OP1    . DG A 1 7  ? 0.597   1.115   -12.575 1.00 10.00 ? 7  DG A OP1    1 
ATOM 191 O OP2    . DG A 1 7  ? 2.299   1.818   -10.793 1.00 10.00 ? 7  DG A OP2    1 
ATOM 192 O "O5'"  . DG A 1 7  ? -0.063  1.248   -10.164 1.00 10.00 ? 7  DG A "O5'"  1 
ATOM 193 C "C5'"  . DG A 1 7  ? -1.315  0.611   -10.351 1.00 10.00 ? 7  DG A "C5'"  1 
ATOM 194 C "C4'"  . DG A 1 7  ? -2.241  0.803   -9.147  1.00 10.00 ? 7  DG A "C4'"  1 
ATOM 195 O "O4'"  . DG A 1 7  ? -1.718  0.130   -8.010  1.00 10.00 ? 7  DG A "O4'"  1 
ATOM 196 C "C3'"  . DG A 1 7  ? -2.469  2.273   -8.760  1.00 10.00 ? 7  DG A "C3'"  1 
ATOM 197 O "O3'"  . DG A 1 7  ? -3.869  2.506   -8.744  1.00 10.00 ? 7  DG A "O3'"  1 
ATOM 198 C "C2'"  . DG A 1 7  ? -1.834  2.343   -7.373  1.00 10.00 ? 7  DG A "C2'"  1 
ATOM 199 C "C1'"  . DG A 1 7  ? -2.041  0.916   -6.882  1.00 10.00 ? 7  DG A "C1'"  1 
ATOM 200 N N9     . DG A 1 7  ? -1.184  0.569   -5.729  1.00 10.00 ? 7  DG A N9     1 
ATOM 201 C C8     . DG A 1 7  ? 0.178   0.678   -5.602  1.00 10.00 ? 7  DG A C8     1 
ATOM 202 N N7     . DG A 1 7  ? 0.644   0.292   -4.447  1.00 10.00 ? 7  DG A N7     1 
ATOM 203 C C5     . DG A 1 7  ? -0.501  -0.093  -3.742  1.00 10.00 ? 7  DG A C5     1 
ATOM 204 C C6     . DG A 1 7  ? -0.670  -0.612  -2.413  1.00 10.00 ? 7  DG A C6     1 
ATOM 205 O O6     . DG A 1 7  ? 0.174   -0.878  -1.558  1.00 10.00 ? 7  DG A O6     1 
ATOM 206 N N1     . DG A 1 7  ? -1.992  -0.833  -2.081  1.00 10.00 ? 7  DG A N1     1 
ATOM 207 C C2     . DG A 1 7  ? -3.038  -0.627  -2.926  1.00 10.00 ? 7  DG A C2     1 
ATOM 208 N N2     . DG A 1 7  ? -4.238  -0.829  -2.443  1.00 10.00 ? 7  DG A N2     1 
ATOM 209 N N3     . DG A 1 7  ? -2.922  -0.178  -4.175  1.00 10.00 ? 7  DG A N3     1 
ATOM 210 C C4     . DG A 1 7  ? -1.625  0.078   -4.523  1.00 10.00 ? 7  DG A C4     1 
ATOM 211 H "H5'"  . DG A 1 7  ? -1.160  -0.458  -10.499 1.00 10.00 ? 7  DG A "H5'"  1 
ATOM 212 H "H5''" . DG A 1 7  ? -1.793  1.022   -11.241 1.00 10.00 ? 7  DG A "H5''" 1 
ATOM 213 H "H4'"  . DG A 1 7  ? -3.209  0.363   -9.390  1.00 10.00 ? 7  DG A "H4'"  1 
ATOM 214 H "H3'"  . DG A 1 7  ? -1.972  2.957   -9.452  1.00 10.00 ? 7  DG A "H3'"  1 
ATOM 215 H "H2'"  . DG A 1 7  ? -0.771  2.563   -7.479  1.00 10.00 ? 7  DG A "H2'"  1 
ATOM 216 H "H2''" . DG A 1 7  ? -2.313  3.074   -6.724  1.00 10.00 ? 7  DG A "H2''" 1 
ATOM 217 H "H1'"  . DG A 1 7  ? -3.092  0.772   -6.615  1.00 10.00 ? 7  DG A "H1'"  1 
ATOM 218 H H8     . DG A 1 7  ? 0.808   1.045   -6.399  1.00 10.00 ? 7  DG A H8     1 
ATOM 219 H H1     . DG A 1 7  ? -2.164  -1.183  -1.145  1.00 10.00 ? 7  DG A H1     1 
ATOM 220 H H21    . DG A 1 7  ? -4.382  -1.080  -1.459  1.00 10.00 ? 7  DG A H21    1 
ATOM 221 H H22    . DG A 1 7  ? -5.000  -0.690  -3.083  1.00 10.00 ? 7  DG A H22    1 
ATOM 222 P P      . DA A 1 8  ? -4.521  3.947   -8.415  1.00 10.00 ? 8  DA A P      1 
ATOM 223 O OP1    . DA A 1 8  ? -5.614  4.189   -9.381  1.00 10.00 ? 8  DA A OP1    1 
ATOM 224 O OP2    . DA A 1 8  ? -3.440  4.941   -8.252  1.00 10.00 ? 8  DA A OP2    1 
ATOM 225 O "O5'"  . DA A 1 8  ? -5.174  3.663   -6.969  1.00 10.00 ? 8  DA A "O5'"  1 
ATOM 226 C "C5'"  . DA A 1 8  ? -6.267  2.767   -6.840  1.00 10.00 ? 8  DA A "C5'"  1 
ATOM 227 C "C4'"  . DA A 1 8  ? -6.855  2.741   -5.423  1.00 10.00 ? 8  DA A "C4'"  1 
ATOM 228 O "O4'"  . DA A 1 8  ? -5.921  2.164   -4.519  1.00 10.00 ? 8  DA A "O4'"  1 
ATOM 229 C "C3'"  . DA A 1 8  ? -7.231  4.136   -4.908  1.00 10.00 ? 8  DA A "C3'"  1 
ATOM 230 O "O3'"  . DA A 1 8  ? -8.498  4.056   -4.273  1.00 10.00 ? 8  DA A "O3'"  1 
ATOM 231 C "C2'"  . DA A 1 8  ? -6.088  4.433   -3.945  1.00 10.00 ? 8  DA A "C2'"  1 
ATOM 232 C "C1'"  . DA A 1 8  ? -5.740  3.041   -3.422  1.00 10.00 ? 8  DA A "C1'"  1 
ATOM 233 N N9     . DA A 1 8  ? -4.337  2.944   -2.964  1.00 10.00 ? 8  DA A N9     1 
ATOM 234 C C8     . DA A 1 8  ? -3.191  3.237   -3.663  1.00 10.00 ? 8  DA A C8     1 
ATOM 235 N N7     . DA A 1 8  ? -2.087  3.048   -2.991  1.00 10.00 ? 8  DA A N7     1 
ATOM 236 C C5     . DA A 1 8  ? -2.545  2.567   -1.759  1.00 10.00 ? 8  DA A C5     1 
ATOM 237 C C6     . DA A 1 8  ? -1.916  2.122   -0.574  1.00 10.00 ? 8  DA A C6     1 
ATOM 238 N N6     . DA A 1 8  ? -0.606  2.064   -0.410  1.00 10.00 ? 8  DA A N6     1 
ATOM 239 N N1     . DA A 1 8  ? -2.644  1.680   0.458   1.00 10.00 ? 8  DA A N1     1 
ATOM 240 C C2     . DA A 1 8  ? -3.968  1.675   0.338   1.00 10.00 ? 8  DA A C2     1 
ATOM 241 N N3     . DA A 1 8  ? -4.693  2.071   -0.704  1.00 10.00 ? 8  DA A N3     1 
ATOM 242 C C4     . DA A 1 8  ? -3.913  2.500   -1.735  1.00 10.00 ? 8  DA A C4     1 
ATOM 243 H "H5'"  . DA A 1 8  ? -5.943  1.761   -7.107  1.00 10.00 ? 8  DA A "H5'"  1 
ATOM 244 H "H5''" . DA A 1 8  ? -7.056  3.071   -7.532  1.00 10.00 ? 8  DA A "H5''" 1 
ATOM 245 H "H4'"  . DA A 1 8  ? -7.754  2.126   -5.439  1.00 10.00 ? 8  DA A "H4'"  1 
ATOM 246 H "H3'"  . DA A 1 8  ? -7.261  4.868   -5.718  1.00 10.00 ? 8  DA A "H3'"  1 
ATOM 247 H "H2'"  . DA A 1 8  ? -5.256  4.857   -4.511  1.00 10.00 ? 8  DA A "H2'"  1 
ATOM 248 H "H2''" . DA A 1 8  ? -6.383  5.108   -3.146  1.00 10.00 ? 8  DA A "H2''" 1 
ATOM 249 H "H1'"  . DA A 1 8  ? -6.426  2.774   -2.614  1.00 10.00 ? 8  DA A "H1'"  1 
ATOM 250 H H8     . DA A 1 8  ? -3.216  3.596   -4.683  1.00 10.00 ? 8  DA A H8     1 
ATOM 251 H H61    . DA A 1 8  ? -0.237  1.628   0.437   1.00 10.00 ? 8  DA A H61    1 
ATOM 252 H H62    . DA A 1 8  ? -0.010  2.325   -1.176  1.00 10.00 ? 8  DA A H62    1 
ATOM 253 H H2     . DA A 1 8  ? -4.523  1.316   1.194   1.00 10.00 ? 8  DA A H2     1 
ATOM 254 P P      . DT A 1 9  ? -9.239  5.344   -3.641  1.00 10.00 ? 9  DT A P      1 
ATOM 255 O OP1    . DT A 1 9  ? -10.697 5.172   -3.816  1.00 10.00 ? 9  DT A OP1    1 
ATOM 256 O OP2    . DT A 1 9  ? -8.569  6.568   -4.129  1.00 10.00 ? 9  DT A OP2    1 
ATOM 257 O "O5'"  . DT A 1 9  ? -8.889  5.161   -2.081  1.00 10.00 ? 9  DT A "O5'"  1 
ATOM 258 C "C5'"  . DT A 1 9  ? -9.437  4.077   -1.348  1.00 10.00 ? 9  DT A "C5'"  1 
ATOM 259 C "C4'"  . DT A 1 9  ? -8.981  4.082   0.113   1.00 10.00 ? 9  DT A "C4'"  1 
ATOM 260 O "O4'"  . DT A 1 9  ? -7.580  3.856   0.181   1.00 10.00 ? 9  DT A "O4'"  1 
ATOM 261 C "C3'"  . DT A 1 9  ? -9.292  5.395   0.845   1.00 10.00 ? 9  DT A "C3'"  1 
ATOM 262 O "O3'"  . DT A 1 9  ? -9.998  5.088   2.037   1.00 10.00 ? 9  DT A "O3'"  1 
ATOM 263 C "C2'"  . DT A 1 9  ? -7.898  5.960   1.101   1.00 10.00 ? 9  DT A "C2'"  1 
ATOM 264 C "C1'"  . DT A 1 9  ? -7.052  4.692   1.191   1.00 10.00 ? 9  DT A "C1'"  1 
ATOM 265 N N1     . DT A 1 9  ? -5.603  4.927   0.950   1.00 10.00 ? 9  DT A N1     1 
ATOM 266 C C2     . DT A 1 9  ? -4.694  4.551   1.945   1.00 10.00 ? 9  DT A C2     1 
ATOM 267 O O2     . DT A 1 9  ? -5.022  4.065   3.021   1.00 10.00 ? 9  DT A O2     1 
ATOM 268 N N3     . DT A 1 9  ? -3.359  4.762   1.676   1.00 10.00 ? 9  DT A N3     1 
ATOM 269 C C4     . DT A 1 9  ? -2.843  5.312   0.523   1.00 10.00 ? 9  DT A C4     1 
ATOM 270 O O4     . DT A 1 9  ? -1.624  5.414   0.414   1.00 10.00 ? 9  DT A O4     1 
ATOM 271 C C5     . DT A 1 9  ? -3.842  5.695   -0.470  1.00 10.00 ? 9  DT A C5     1 
ATOM 272 C C7     . DT A 1 9  ? -3.408  6.329   -1.779  1.00 10.00 ? 9  DT A C7     1 
ATOM 273 C C6     . DT A 1 9  ? -5.166  5.485   -0.235  1.00 10.00 ? 9  DT A C6     1 
ATOM 274 H "H5'"  . DT A 1 9  ? -9.132  3.137   -1.809  1.00 10.00 ? 9  DT A "H5'"  1 
ATOM 275 H "H5''" . DT A 1 9  ? -10.526 4.142   -1.377  1.00 10.00 ? 9  DT A "H5''" 1 
ATOM 276 H "H4'"  . DT A 1 9  ? -9.490  3.270   0.634   1.00 10.00 ? 9  DT A "H4'"  1 
ATOM 277 H "H3'"  . DT A 1 9  ? -9.878  6.075   0.222   1.00 10.00 ? 9  DT A "H3'"  1 
ATOM 278 H "H2'"  . DT A 1 9  ? -7.609  6.569   0.245   1.00 10.00 ? 9  DT A "H2'"  1 
ATOM 279 H "H2''" . DT A 1 9  ? -7.848  6.544   2.015   1.00 10.00 ? 9  DT A "H2''" 1 
ATOM 280 H "H1'"  . DT A 1 9  ? -7.214  4.228   2.170   1.00 10.00 ? 9  DT A "H1'"  1 
ATOM 281 H H3     . DT A 1 9  ? -2.698  4.453   2.383   1.00 10.00 ? 9  DT A H3     1 
ATOM 282 H H71    . DT A 1 9  ? -4.200  6.265   -2.524  1.00 10.00 ? 9  DT A H71    1 
ATOM 283 H H72    . DT A 1 9  ? -3.159  7.376   -1.606  1.00 10.00 ? 9  DT A H72    1 
ATOM 284 H H73    . DT A 1 9  ? -2.524  5.814   -2.158  1.00 10.00 ? 9  DT A H73    1 
ATOM 285 H H6     . DT A 1 9  ? -5.901  5.744   -0.984  1.00 10.00 ? 9  DT A H6     1 
ATOM 286 P P      . DT A 1 10 ? -10.514 6.220   3.069   1.00 10.00 ? 10 DT A P      1 
ATOM 287 O OP1    . DT A 1 10 ? -11.839 5.812   3.583   1.00 10.00 ? 10 DT A OP1    1 
ATOM 288 O OP2    . DT A 1 10 ? -10.330 7.552   2.452   1.00 10.00 ? 10 DT A OP2    1 
ATOM 289 O "O5'"  . DT A 1 10 ? -9.437  6.063   4.253   1.00 10.00 ? 10 DT A "O5'"  1 
ATOM 290 C "C5'"  . DT A 1 10 ? -9.384  4.868   5.018   1.00 10.00 ? 10 DT A "C5'"  1 
ATOM 291 C "C4'"  . DT A 1 10 ? -8.290  4.915   6.089   1.00 10.00 ? 10 DT A "C4'"  1 
ATOM 292 O "O4'"  . DT A 1 10 ? -7.024  5.025   5.456   1.00 10.00 ? 10 DT A "O4'"  1 
ATOM 293 C "C3'"  . DT A 1 10 ? -8.450  6.088   7.063   1.00 10.00 ? 10 DT A "C3'"  1 
ATOM 294 O "O3'"  . DT A 1 10 ? -8.271  5.611   8.388   1.00 10.00 ? 10 DT A "O3'"  1 
ATOM 295 C "C2'"  . DT A 1 10 ? -7.342  7.033   6.612   1.00 10.00 ? 10 DT A "C2'"  1 
ATOM 296 C "C1'"  . DT A 1 10 ? -6.288  6.058   6.081   1.00 10.00 ? 10 DT A "C1'"  1 
ATOM 297 N N1     . DT A 1 10 ? -5.348  6.655   5.092   1.00 10.00 ? 10 DT A N1     1 
ATOM 298 C C2     . DT A 1 10 ? -3.973  6.483   5.294   1.00 10.00 ? 10 DT A C2     1 
ATOM 299 O O2     . DT A 1 10 ? -3.489  5.903   6.260   1.00 10.00 ? 10 DT A O2     1 
ATOM 300 N N3     . DT A 1 10 ? -3.135  7.021   4.342   1.00 10.00 ? 10 DT A N3     1 
ATOM 301 C C4     . DT A 1 10 ? -3.526  7.705   3.213   1.00 10.00 ? 10 DT A C4     1 
ATOM 302 O O4     . DT A 1 10 ? -2.665  8.106   2.437   1.00 10.00 ? 10 DT A O4     1 
ATOM 303 C C5     . DT A 1 10 ? -4.971  7.863   3.065   1.00 10.00 ? 10 DT A C5     1 
ATOM 304 C C7     . DT A 1 10 ? -5.533  8.613   1.870   1.00 10.00 ? 10 DT A C7     1 
ATOM 305 C C6     . DT A 1 10 ? -5.820  7.332   3.983   1.00 10.00 ? 10 DT A C6     1 
ATOM 306 H "H5'"  . DT A 1 10 ? -9.185  4.024   4.354   1.00 10.00 ? 10 DT A "H5'"  1 
ATOM 307 H "H5''" . DT A 1 10 ? -10.347 4.709   5.502   1.00 10.00 ? 10 DT A "H5''" 1 
ATOM 308 H "H4'"  . DT A 1 10 ? -8.321  3.985   6.657   1.00 10.00 ? 10 DT A "H4'"  1 
ATOM 309 H "H3'"  . DT A 1 10 ? -9.430  6.559   6.961   1.00 10.00 ? 10 DT A "H3'"  1 
ATOM 310 H "H2'"  . DT A 1 10 ? -7.736  7.674   5.826   1.00 10.00 ? 10 DT A "H2'"  1 
ATOM 311 H "H2''" . DT A 1 10 ? -6.958  7.637   7.429   1.00 10.00 ? 10 DT A "H2''" 1 
ATOM 312 H "H1'"  . DT A 1 10 ? -5.739  5.642   6.932   1.00 10.00 ? 10 DT A "H1'"  1 
ATOM 313 H H3     . DT A 1 10 ? -2.137  6.913   4.499   1.00 10.00 ? 10 DT A H3     1 
ATOM 314 H H71    . DT A 1 10 ? -4.957  9.524   1.710   1.00 10.00 ? 10 DT A H71    1 
ATOM 315 H H72    . DT A 1 10 ? -5.456  7.991   0.980   1.00 10.00 ? 10 DT A H72    1 
ATOM 316 H H73    . DT A 1 10 ? -6.578  8.879   2.036   1.00 10.00 ? 10 DT A H73    1 
ATOM 317 H H6     . DT A 1 10 ? -6.890  7.415   3.845   1.00 10.00 ? 10 DT A H6     1 
ATOM 318 P P      . DC A 1 11 ? -8.454  6.560   9.683   1.00 10.00 ? 11 DC A P      1 
ATOM 319 O OP1    . DC A 1 11 ? -8.834  5.712   10.832  1.00 10.00 ? 11 DC A OP1    1 
ATOM 320 O OP2    . DC A 1 11 ? -9.293  7.718   9.302   1.00 10.00 ? 11 DC A OP2    1 
ATOM 321 O "O5'"  . DC A 1 11 ? -6.948  7.080   9.909   1.00 10.00 ? 11 DC A "O5'"  1 
ATOM 322 C "C5'"  . DC A 1 11 ? -5.927  6.181   10.311  1.00 10.00 ? 11 DC A "C5'"  1 
ATOM 323 C "C4'"  . DC A 1 11 ? -4.559  6.868   10.376  1.00 10.00 ? 11 DC A "C4'"  1 
ATOM 324 O "O4'"  . DC A 1 11 ? -4.134  7.240   9.071   1.00 10.00 ? 11 DC A "O4'"  1 
ATOM 325 C "C3'"  . DC A 1 11 ? -4.551  8.131   11.251  1.00 10.00 ? 11 DC A "C3'"  1 
ATOM 326 O "O3'"  . DC A 1 11 ? -3.518  8.008   12.219  1.00 10.00 ? 11 DC A "O3'"  1 
ATOM 327 C "C2'"  . DC A 1 11 ? -4.276  9.222   10.220  1.00 10.00 ? 11 DC A "C2'"  1 
ATOM 328 C "C1'"  . DC A 1 11 ? -3.448  8.470   9.179   1.00 10.00 ? 11 DC A "C1'"  1 
ATOM 329 N N1     . DC A 1 11 ? -3.380  9.140   7.849   1.00 10.00 ? 11 DC A N1     1 
ATOM 330 C C2     . DC A 1 11 ? -2.130  9.402   7.270   1.00 10.00 ? 11 DC A C2     1 
ATOM 331 O O2     . DC A 1 11 ? -1.075  9.122   7.836   1.00 10.00 ? 11 DC A O2     1 
ATOM 332 N N3     . DC A 1 11 ? -2.057  10.001  6.055   1.00 10.00 ? 11 DC A N3     1 
ATOM 333 C C4     . DC A 1 11 ? -3.170  10.340  5.427   1.00 10.00 ? 11 DC A C4     1 
ATOM 334 N N4     . DC A 1 11 ? -3.035  10.901  4.252   1.00 10.00 ? 11 DC A N4     1 
ATOM 335 C C5     . DC A 1 11 ? -4.468  10.093  5.967   1.00 10.00 ? 11 DC A C5     1 
ATOM 336 C C6     . DC A 1 11 ? -4.528  9.486   7.178   1.00 10.00 ? 11 DC A C6     1 
ATOM 337 H "H5'"  . DC A 1 11 ? -5.869  5.353   9.602   1.00 10.00 ? 11 DC A "H5'"  1 
ATOM 338 H "H5''" . DC A 1 11 ? -6.172  5.781   11.296  1.00 10.00 ? 11 DC A "H5''" 1 
ATOM 339 H "H4'"  . DC A 1 11 ? -3.837  6.161   10.787  1.00 10.00 ? 11 DC A "H4'"  1 
ATOM 340 H "H3'"  . DC A 1 11 ? -5.514  8.290   11.740  1.00 10.00 ? 11 DC A "H3'"  1 
ATOM 341 H "H2'"  . DC A 1 11 ? -5.227  9.555   9.810   1.00 10.00 ? 11 DC A "H2'"  1 
ATOM 342 H "H2''" . DC A 1 11 ? -3.738  10.062  10.645  1.00 10.00 ? 11 DC A "H2''" 1 
ATOM 343 H "H1'"  . DC A 1 11 ? -2.443  8.296   9.579   1.00 10.00 ? 11 DC A "H1'"  1 
ATOM 344 H H41    . DC A 1 11 ? -2.079  10.989  3.896   1.00 10.00 ? 11 DC A H41    1 
ATOM 345 H H42    . DC A 1 11 ? -3.826  11.176  3.708   1.00 10.00 ? 11 DC A H42    1 
ATOM 346 H H5     . DC A 1 11 ? -5.373  10.354  5.442   1.00 10.00 ? 11 DC A H5     1 
ATOM 347 H H6     . DC A 1 11 ? -5.484  9.255   7.631   1.00 10.00 ? 11 DC A H6     1 
ATOM 348 P P      . DC A 1 12 ? -3.232  9.124   13.352  1.00 10.00 ? 12 DC A P      1 
ATOM 349 O OP1    . DC A 1 12 ? -3.049  8.438   14.649  1.00 10.00 ? 12 DC A OP1    1 
ATOM 350 O OP2    . DC A 1 12 ? -4.220  10.217  13.219  1.00 10.00 ? 12 DC A OP2    1 
ATOM 351 O "O5'"  . DC A 1 12 ? -1.805  9.686   12.867  1.00 10.00 ? 12 DC A "O5'"  1 
ATOM 352 C "C5'"  . DC A 1 12 ? -0.661  8.845   12.878  1.00 10.00 ? 12 DC A "C5'"  1 
ATOM 353 C "C4'"  . DC A 1 12 ? 0.588   9.543   12.324  1.00 10.00 ? 12 DC A "C4'"  1 
ATOM 354 O "O4'"  . DC A 1 12 ? 0.349   9.917   10.975  1.00 10.00 ? 12 DC A "O4'"  1 
ATOM 355 C "C3'"  . DC A 1 12 ? 0.992   10.799  13.105  1.00 10.00 ? 12 DC A "C3'"  1 
ATOM 356 O "O3'"  . DC A 1 12 ? 2.407   10.848  13.168  1.00 10.00 ? 12 DC A "O3'"  1 
ATOM 357 C "C2'"  . DC A 1 12 ? 0.425   11.911  12.233  1.00 10.00 ? 12 DC A "C2'"  1 
ATOM 358 C "C1'"  . DC A 1 12 ? 0.586   11.305  10.836  1.00 10.00 ? 12 DC A "C1'"  1 
ATOM 359 N N1     . DC A 1 12 ? -0.362  11.860  9.833   1.00 10.00 ? 12 DC A N1     1 
ATOM 360 C C2     . DC A 1 12 ? 0.137   12.363  8.628   1.00 10.00 ? 12 DC A C2     1 
ATOM 361 O O2     . DC A 1 12 ? 1.340   12.365  8.371   1.00 10.00 ? 12 DC A O2     1 
ATOM 362 N N3     . DC A 1 12 ? -0.712  12.880  7.704   1.00 10.00 ? 12 DC A N3     1 
ATOM 363 C C4     . DC A 1 12 ? -2.011  12.877  7.942   1.00 10.00 ? 12 DC A C4     1 
ATOM 364 N N4     . DC A 1 12 ? -2.776  13.381  7.004   1.00 10.00 ? 12 DC A N4     1 
ATOM 365 C C5     . DC A 1 12 ? -2.578  12.355  9.143   1.00 10.00 ? 12 DC A C5     1 
ATOM 366 C C6     . DC A 1 12 ? -1.718  11.852  10.065  1.00 10.00 ? 12 DC A C6     1 
ATOM 367 H "H5'"  . DC A 1 12 ? -0.860  7.963   12.269  1.00 10.00 ? 12 DC A "H5'"  1 
ATOM 368 H "H5''" . DC A 1 12 ? -0.463  8.521   13.901  1.00 10.00 ? 12 DC A "H5''" 1 
ATOM 369 H "H4'"  . DC A 1 12 ? 1.416   8.835   12.356  1.00 10.00 ? 12 DC A "H4'"  1 
ATOM 370 H "H3'"  . DC A 1 12 ? 0.557   10.807  14.107  1.00 10.00 ? 12 DC A "H3'"  1 
ATOM 371 H "H2'"  . DC A 1 12 ? -0.620  12.065  12.497  1.00 10.00 ? 12 DC A "H2'"  1 
ATOM 372 H "H2''" . DC A 1 12 ? 0.974   12.844  12.336  1.00 10.00 ? 12 DC A "H2''" 1 
ATOM 373 H "H1'"  . DC A 1 12 ? 1.621   11.454  10.515  1.00 10.00 ? 12 DC A "H1'"  1 
ATOM 374 H H41    . DC A 1 12 ? -2.296  13.705  6.159   1.00 10.00 ? 12 DC A H41    1 
ATOM 375 H H42    . DC A 1 12 ? -3.771  13.399  7.099   1.00 10.00 ? 12 DC A H42    1 
ATOM 376 H H5     . DC A 1 12 ? -3.640  12.345  9.330   1.00 10.00 ? 12 DC A H5     1 
ATOM 377 H H6     . DC A 1 12 ? -2.082  11.427  10.994  1.00 10.00 ? 12 DC A H6     1 
ATOM 378 P P      . DA A 1 13 ? 3.199   11.819  14.183  1.00 10.00 ? 13 DA A P      1 
ATOM 379 O OP1    . DA A 1 13 ? 3.809   10.992  15.245  1.00 10.00 ? 13 DA A OP1    1 
ATOM 380 O OP2    . DA A 1 13 ? 2.335   12.968  14.529  1.00 10.00 ? 13 DA A OP2    1 
ATOM 381 O "O5'"  . DA A 1 13 ? 4.359   12.368  13.220  1.00 10.00 ? 13 DA A "O5'"  1 
ATOM 382 C "C5'"  . DA A 1 13 ? 5.352   11.506  12.691  1.00 10.00 ? 13 DA A "C5'"  1 
ATOM 383 C "C4'"  . DA A 1 13 ? 6.294   12.245  11.731  1.00 10.00 ? 13 DA A "C4'"  1 
ATOM 384 O "O4'"  . DA A 1 13 ? 5.575   12.658  10.574  1.00 10.00 ? 13 DA A "O4'"  1 
ATOM 385 C "C3'"  . DA A 1 13 ? 6.939   13.485  12.358  1.00 10.00 ? 13 DA A "C3'"  1 
ATOM 386 O "O3'"  . DA A 1 13 ? 8.269   13.616  11.875  1.00 10.00 ? 13 DA A "O3'"  1 
ATOM 387 C "C2'"  . DA A 1 13 ? 6.006   14.595  11.880  1.00 10.00 ? 13 DA A "C2'"  1 
ATOM 388 C "C1'"  . DA A 1 13 ? 5.513   14.075  10.526  1.00 10.00 ? 13 DA A "C1'"  1 
ATOM 389 N N9     . DA A 1 13 ? 4.122   14.490  10.212  1.00 10.00 ? 13 DA A N9     1 
ATOM 390 C C8     . DA A 1 13 ? 2.997   14.411  11.003  1.00 10.00 ? 13 DA A C8     1 
ATOM 391 N N7     . DA A 1 13 ? 1.910   14.876  10.446  1.00 10.00 ? 13 DA A N7     1 
ATOM 392 C C5     . DA A 1 13 ? 2.350   15.271  9.178   1.00 10.00 ? 13 DA A C5     1 
ATOM 393 C C6     . DA A 1 13 ? 1.722   15.846  8.048   1.00 10.00 ? 13 DA A C6     1 
ATOM 394 N N6     . DA A 1 13 ? 0.432   16.126  7.977   1.00 10.00 ? 13 DA A N6     1 
ATOM 395 N N1     . DA A 1 13 ? 2.431   16.155  6.956   1.00 10.00 ? 13 DA A N1     1 
ATOM 396 C C2     . DA A 1 13 ? 3.732   15.885  6.957   1.00 10.00 ? 13 DA A C2     1 
ATOM 397 N N3     . DA A 1 13 ? 4.454   15.345  7.936   1.00 10.00 ? 13 DA A N3     1 
ATOM 398 C C4     . DA A 1 13 ? 3.694   15.049  9.030   1.00 10.00 ? 13 DA A C4     1 
ATOM 399 H "H5'"  . DA A 1 13 ? 4.872   10.689  12.149  1.00 10.00 ? 13 DA A "H5'"  1 
ATOM 400 H "H5''" . DA A 1 13 ? 5.932   11.085  13.514  1.00 10.00 ? 13 DA A "H5''" 1 
ATOM 401 H "H4'"  . DA A 1 13 ? 7.083   11.555  11.431  1.00 10.00 ? 13 DA A "H4'"  1 
ATOM 402 H "H3'"  . DA A 1 13 ? 6.940   13.417  13.448  1.00 10.00 ? 13 DA A "H3'"  1 
ATOM 403 H "H2'"  . DA A 1 13 ? 5.185   14.696  12.588  1.00 10.00 ? 13 DA A "H2'"  1 
ATOM 404 H "H2''" . DA A 1 13 ? 6.520   15.544  11.782  1.00 10.00 ? 13 DA A "H2''" 1 
ATOM 405 H "H1'"  . DA A 1 13 ? 6.188   14.431  9.744   1.00 10.00 ? 13 DA A "H1'"  1 
ATOM 406 H H8     . DA A 1 13 ? 3.014   14.002  12.005  1.00 10.00 ? 13 DA A H8     1 
ATOM 407 H H61    . DA A 1 13 ? 0.065   16.533  7.116   1.00 10.00 ? 13 DA A H61    1 
ATOM 408 H H62    . DA A 1 13 ? -0.158  15.902  8.758   1.00 10.00 ? 13 DA A H62    1 
ATOM 409 H H2     . DA A 1 13 ? 4.271   16.142  6.055   1.00 10.00 ? 13 DA A H2     1 
ATOM 410 P P      . DC A 1 14 ? 9.284   14.743  12.431  1.00 10.00 ? 14 DC A P      1 
ATOM 411 O OP1    . DC A 1 14 ? 10.671  14.304  12.166  1.00 10.00 ? 14 DC A OP1    1 
ATOM 412 O OP2    . DC A 1 14 ? 8.871   15.127  13.797  1.00 10.00 ? 14 DC A OP2    1 
ATOM 413 O "O5'"  . DC A 1 14 ? 8.959   15.971  11.447  1.00 10.00 ? 14 DC A "O5'"  1 
ATOM 414 C "C5'"  . DC A 1 14 ? 9.330   15.920  10.082  1.00 10.00 ? 14 DC A "C5'"  1 
ATOM 415 C "C4'"  . DC A 1 14 ? 8.704   17.075  9.297   1.00 10.00 ? 14 DC A "C4'"  1 
ATOM 416 O "O4'"  . DC A 1 14 ? 7.314   16.885  9.128   1.00 10.00 ? 14 DC A "O4'"  1 
ATOM 417 C "C3'"  . DC A 1 14 ? 8.795   18.437  9.983   1.00 10.00 ? 14 DC A "C3'"  1 
ATOM 418 O "O3'"  . DC A 1 14 ? 10.072  19.036  9.862   1.00 10.00 ? 14 DC A "O3'"  1 
ATOM 419 C "C2'"  . DC A 1 14 ? 7.728   19.219  9.225   1.00 10.00 ? 14 DC A "C2'"  1 
ATOM 420 C "C1'"  . DC A 1 14 ? 6.761   18.129  8.735   1.00 10.00 ? 14 DC A "C1'"  1 
ATOM 421 N N1     . DC A 1 14 ? 5.392   18.279  9.297   1.00 10.00 ? 14 DC A N1     1 
ATOM 422 C C2     . DC A 1 14 ? 4.379   18.771  8.470   1.00 10.00 ? 14 DC A C2     1 
ATOM 423 O O2     . DC A 1 14 ? 4.611   19.143  7.321   1.00 10.00 ? 14 DC A O2     1 
ATOM 424 N N3     . DC A 1 14 ? 3.107   18.853  8.929   1.00 10.00 ? 14 DC A N3     1 
ATOM 425 C C4     . DC A 1 14 ? 2.833   18.455  10.158  1.00 10.00 ? 14 DC A C4     1 
ATOM 426 N N4     . DC A 1 14 ? 1.571   18.505  10.505  1.00 10.00 ? 14 DC A N4     1 
ATOM 427 C C5     . DC A 1 14 ? 3.834   17.976  11.057  1.00 10.00 ? 14 DC A C5     1 
ATOM 428 C C6     . DC A 1 14 ? 5.106   17.912  10.591  1.00 10.00 ? 14 DC A C6     1 
ATOM 429 H "H5'"  . DC A 1 14 ? 8.997   14.978  9.643   1.00 10.00 ? 14 DC A "H5'"  1 
ATOM 430 H "H5''" . DC A 1 14 ? 10.417  15.975  10.008  1.00 10.00 ? 14 DC A "H5''" 1 
ATOM 431 H "H4'"  . DC A 1 14 ? 9.175   17.135  8.314   1.00 10.00 ? 14 DC A "H4'"  1 
ATOM 432 H "H3'"  . DC A 1 14 ? 8.498   18.346  11.030  1.00 10.00 ? 14 DC A "H3'"  1 
ATOM 433 H "HO3'" . DC A 1 14 ? 10.686  18.551  10.424  1.00 10.00 ? 14 DC A "HO3'" 1 
ATOM 434 H "H2'"  . DC A 1 14 ? 7.243   19.946  9.879   1.00 10.00 ? 14 DC A "H2'"  1 
ATOM 435 H "H2''" . DC A 1 14 ? 8.170   19.724  8.365   1.00 10.00 ? 14 DC A "H2''" 1 
ATOM 436 H "H1'"  . DC A 1 14 ? 6.713   18.161  7.642   1.00 10.00 ? 14 DC A "H1'"  1 
ATOM 437 H H41    . DC A 1 14 ? 0.924   18.833  9.782   1.00 10.00 ? 14 DC A H41    1 
ATOM 438 H H42    . DC A 1 14 ? 1.266   18.117  11.376  1.00 10.00 ? 14 DC A H42    1 
ATOM 439 H H5     . DC A 1 14 ? 3.604   17.661  12.063  1.00 10.00 ? 14 DC A H5     1 
ATOM 440 H H6     . DC A 1 14 ? 5.914   17.554  11.217  1.00 10.00 ? 14 DC A H6     1 
ATOM 441 O "O5'"  . DG B 2 1  ? -3.446  25.981  3.078   1.00 10.00 ? 15 DG B "O5'"  1 
ATOM 442 C "C5'"  . DG B 2 1  ? -3.567  24.860  2.225   1.00 10.00 ? 15 DG B "C5'"  1 
ATOM 443 C "C4'"  . DG B 2 1  ? -2.220  24.135  2.164   1.00 10.00 ? 15 DG B "C4'"  1 
ATOM 444 O "O4'"  . DG B 2 1  ? -1.868  23.721  3.479   1.00 10.00 ? 15 DG B "O4'"  1 
ATOM 445 C "C3'"  . DG B 2 1  ? -2.267  22.877  1.287   1.00 10.00 ? 15 DG B "C3'"  1 
ATOM 446 O "O3'"  . DG B 2 1  ? -1.185  22.926  0.373   1.00 10.00 ? 15 DG B "O3'"  1 
ATOM 447 C "C2'"  . DG B 2 1  ? -2.108  21.745  2.300   1.00 10.00 ? 15 DG B "C2'"  1 
ATOM 448 C "C1'"  . DG B 2 1  ? -1.291  22.432  3.385   1.00 10.00 ? 15 DG B "C1'"  1 
ATOM 449 N N9     . DG B 2 1  ? -1.366  21.731  4.685   1.00 10.00 ? 15 DG B N9     1 
ATOM 450 C C8     . DG B 2 1  ? -2.444  21.586  5.521   1.00 10.00 ? 15 DG B C8     1 
ATOM 451 N N7     . DG B 2 1  ? -2.183  20.945  6.626   1.00 10.00 ? 15 DG B N7     1 
ATOM 452 C C5     . DG B 2 1  ? -0.823  20.633  6.518   1.00 10.00 ? 15 DG B C5     1 
ATOM 453 C C6     . DG B 2 1  ? 0.080   19.962  7.416   1.00 10.00 ? 15 DG B C6     1 
ATOM 454 O O6     . DG B 2 1  ? -0.127  19.487  8.532   1.00 10.00 ? 15 DG B O6     1 
ATOM 455 N N1     . DG B 2 1  ? 1.372   19.887  6.928   1.00 10.00 ? 15 DG B N1     1 
ATOM 456 C C2     . DG B 2 1  ? 1.767   20.391  5.726   1.00 10.00 ? 15 DG B C2     1 
ATOM 457 N N2     . DG B 2 1  ? 3.026   20.245  5.394   1.00 10.00 ? 15 DG B N2     1 
ATOM 458 N N3     . DG B 2 1  ? 0.962   21.015  4.869   1.00 10.00 ? 15 DG B N3     1 
ATOM 459 C C4     . DG B 2 1  ? -0.321  21.111  5.324   1.00 10.00 ? 15 DG B C4     1 
ATOM 460 H "H5'"  . DG B 2 1  ? -3.852  25.189  1.224   1.00 10.00 ? 15 DG B "H5'"  1 
ATOM 461 H "H5''" . DG B 2 1  ? -4.328  24.182  2.612   1.00 10.00 ? 15 DG B "H5''" 1 
ATOM 462 H "H4'"  . DG B 2 1  ? -1.460  24.813  1.772   1.00 10.00 ? 15 DG B "H4'"  1 
ATOM 463 H "H3'"  . DG B 2 1  ? -3.212  22.791  0.748   1.00 10.00 ? 15 DG B "H3'"  1 
ATOM 464 H "H2'"  . DG B 2 1  ? -3.088  21.455  2.679   1.00 10.00 ? 15 DG B "H2'"  1 
ATOM 465 H "H2''" . DG B 2 1  ? -1.582  20.888  1.884   1.00 10.00 ? 15 DG B "H2''" 1 
ATOM 466 H "H1'"  . DG B 2 1  ? -0.248  22.506  3.059   1.00 10.00 ? 15 DG B "H1'"  1 
ATOM 467 H H8     . DG B 2 1  ? -3.420  21.983  5.285   1.00 10.00 ? 15 DG B H8     1 
ATOM 468 H H1     . DG B 2 1  ? 2.051   19.438  7.535   1.00 10.00 ? 15 DG B H1     1 
ATOM 469 H H21    . DG B 2 1  ? 3.684   19.773  6.026   1.00 10.00 ? 15 DG B H21    1 
ATOM 470 H H22    . DG B 2 1  ? 3.283   20.540  4.470   1.00 10.00 ? 15 DG B H22    1 
ATOM 471 H "HO5'" . DG B 2 1  ? -2.954  25.693  3.856   1.00 10.00 ? 15 DG B "HO5'" 1 
ATOM 472 P P      . DT B 2 2  ? -1.023  21.854  -0.823  1.00 10.00 ? 16 DT B P      1 
ATOM 473 O OP1    . DT B 2 2  ? -0.686  22.597  -2.055  1.00 10.00 ? 16 DT B OP1    1 
ATOM 474 O OP2    . DT B 2 2  ? -2.190  20.946  -0.795  1.00 10.00 ? 16 DT B OP2    1 
ATOM 475 O "O5'"  . DT B 2 2  ? 0.273   21.026  -0.348  1.00 10.00 ? 16 DT B "O5'"  1 
ATOM 476 C "C5'"  . DT B 2 2  ? 1.553   21.640  -0.328  1.00 10.00 ? 16 DT B "C5'"  1 
ATOM 477 C "C4'"  . DT B 2 2  ? 2.679   20.658  0.023   1.00 10.00 ? 16 DT B "C4'"  1 
ATOM 478 O "O4'"  . DT B 2 2  ? 2.504   20.181  1.349   1.00 10.00 ? 16 DT B "O4'"  1 
ATOM 479 C "C3'"  . DT B 2 2  ? 2.747   19.451  -0.920  1.00 10.00 ? 16 DT B "C3'"  1 
ATOM 480 O "O3'"  . DT B 2 2  ? 4.113   19.190  -1.204  1.00 10.00 ? 16 DT B "O3'"  1 
ATOM 481 C "C2'"  . DT B 2 2  ? 2.091   18.355  -0.087  1.00 10.00 ? 16 DT B "C2'"  1 
ATOM 482 C "C1'"  . DT B 2 2  ? 2.513   18.764  1.326   1.00 10.00 ? 16 DT B "C1'"  1 
ATOM 483 N N1     . DT B 2 2  ? 1.627   18.268  2.413   1.00 10.00 ? 16 DT B N1     1 
ATOM 484 C C2     . DT B 2 2  ? 2.232   17.686  3.534   1.00 10.00 ? 16 DT B C2     1 
ATOM 485 O O2     . DT B 2 2  ? 3.442   17.527  3.654   1.00 10.00 ? 16 DT B O2     1 
ATOM 486 N N3     . DT B 2 2  ? 1.395   17.313  4.562   1.00 10.00 ? 16 DT B N3     1 
ATOM 487 C C4     . DT B 2 2  ? 0.033   17.506  4.607   1.00 10.00 ? 16 DT B C4     1 
ATOM 488 O O4     . DT B 2 2  ? -0.568  17.209  5.635   1.00 10.00 ? 16 DT B O4     1 
ATOM 489 C C5     . DT B 2 2  ? -0.543  18.086  3.398   1.00 10.00 ? 16 DT B C5     1 
ATOM 490 C C7     . DT B 2 2  ? -2.044  18.283  3.299   1.00 10.00 ? 16 DT B C7     1 
ATOM 491 C C6     . DT B 2 2  ? 0.258   18.458  2.363   1.00 10.00 ? 16 DT B C6     1 
ATOM 492 H "H5'"  . DT B 2 2  ? 1.550   22.450  0.402   1.00 10.00 ? 16 DT B "H5'"  1 
ATOM 493 H "H5''" . DT B 2 2  ? 1.759   22.063  -1.313  1.00 10.00 ? 16 DT B "H5''" 1 
ATOM 494 H "H4'"  . DT B 2 2  ? 3.626   21.194  -0.038  1.00 10.00 ? 16 DT B "H4'"  1 
ATOM 495 H "H3'"  . DT B 2 2  ? 2.191   19.638  -1.841  1.00 10.00 ? 16 DT B "H3'"  1 
ATOM 496 H "H2'"  . DT B 2 2  ? 1.013   18.411  -0.224  1.00 10.00 ? 16 DT B "H2'"  1 
ATOM 497 H "H2''" . DT B 2 2  ? 2.450   17.360  -0.342  1.00 10.00 ? 16 DT B "H2''" 1 
ATOM 498 H "H1'"  . DT B 2 2  ? 3.539   18.413  1.479   1.00 10.00 ? 16 DT B "H1'"  1 
ATOM 499 H H3     . DT B 2 2  ? 1.831   16.904  5.383   1.00 10.00 ? 16 DT B H3     1 
ATOM 500 H H71    . DT B 2 2  ? -2.364  19.030  4.024   1.00 10.00 ? 16 DT B H71    1 
ATOM 501 H H72    . DT B 2 2  ? -2.332  18.595  2.296   1.00 10.00 ? 16 DT B H72    1 
ATOM 502 H H73    . DT B 2 2  ? -2.540  17.337  3.527   1.00 10.00 ? 16 DT B H73    1 
ATOM 503 H H6     . DT B 2 2  ? -0.177  18.932  1.493   1.00 10.00 ? 16 DT B H6     1 
ATOM 504 P P      . DG B 2 3  ? 4.570   18.163  -2.364  1.00 10.00 ? 17 DG B P      1 
ATOM 505 O OP1    . DG B 2 3  ? 5.963   18.491  -2.741  1.00 10.00 ? 17 DG B OP1    1 
ATOM 506 O OP2    . DG B 2 3  ? 3.513   18.126  -3.396  1.00 10.00 ? 17 DG B OP2    1 
ATOM 507 O "O5'"  . DG B 2 3  ? 4.567   16.760  -1.578  1.00 10.00 ? 17 DG B "O5'"  1 
ATOM 508 C "C5'"  . DG B 2 3  ? 5.582   16.446  -0.637  1.00 10.00 ? 17 DG B "C5'"  1 
ATOM 509 C "C4'"  . DG B 2 3  ? 5.227   15.206  0.189   1.00 10.00 ? 17 DG B "C4'"  1 
ATOM 510 O "O4'"  . DG B 2 3  ? 4.147   15.498  1.073   1.00 10.00 ? 17 DG B "O4'"  1 
ATOM 511 C "C3'"  . DG B 2 3  ? 4.795   13.999  -0.670  1.00 10.00 ? 17 DG B "C3'"  1 
ATOM 512 O "O3'"  . DG B 2 3  ? 5.391   12.796  -0.215  1.00 10.00 ? 17 DG B "O3'"  1 
ATOM 513 C "C2'"  . DG B 2 3  ? 3.305   13.911  -0.370  1.00 10.00 ? 17 DG B "C2'"  1 
ATOM 514 C "C1'"  . DG B 2 3  ? 3.331   14.345  1.091   1.00 10.00 ? 17 DG B "C1'"  1 
ATOM 515 N N9     . DG B 2 3  ? 2.003   14.584  1.696   1.00 10.00 ? 17 DG B N9     1 
ATOM 516 C C8     . DG B 2 3  ? 0.833   15.016  1.120   1.00 10.00 ? 17 DG B C8     1 
ATOM 517 N N7     . DG B 2 3  ? -0.202  14.976  1.914   1.00 10.00 ? 17 DG B N7     1 
ATOM 518 C C5     . DG B 2 3  ? 0.313   14.459  3.108   1.00 10.00 ? 17 DG B C5     1 
ATOM 519 C C6     . DG B 2 3  ? -0.314  14.139  4.363   1.00 10.00 ? 17 DG B C6     1 
ATOM 520 O O6     . DG B 2 3  ? -1.494  14.226  4.699   1.00 10.00 ? 17 DG B O6     1 
ATOM 521 N N1     . DG B 2 3  ? 0.579   13.667  5.310   1.00 10.00 ? 17 DG B N1     1 
ATOM 522 C C2     . DG B 2 3  ? 1.908   13.485  5.086   1.00 10.00 ? 17 DG B C2     1 
ATOM 523 N N2     . DG B 2 3  ? 2.618   12.945  6.045   1.00 10.00 ? 17 DG B N2     1 
ATOM 524 N N3     . DG B 2 3  ? 2.518   13.752  3.935   1.00 10.00 ? 17 DG B N3     1 
ATOM 525 C C4     . DG B 2 3  ? 1.669   14.242  2.984   1.00 10.00 ? 17 DG B C4     1 
ATOM 526 H "H5'"  . DG B 2 3  ? 5.727   17.287  0.042   1.00 10.00 ? 17 DG B "H5'"  1 
ATOM 527 H "H5''" . DG B 2 3  ? 6.516   16.263  -1.171  1.00 10.00 ? 17 DG B "H5''" 1 
ATOM 528 H "H4'"  . DG B 2 3  ? 6.099   14.926  0.780   1.00 10.00 ? 17 DG B "H4'"  1 
ATOM 529 H "H3'"  . DG B 2 3  ? 4.981   14.155  -1.734  1.00 10.00 ? 17 DG B "H3'"  1 
ATOM 530 H "H2'"  . DG B 2 3  ? 2.759   14.627  -0.985  1.00 10.00 ? 17 DG B "H2'"  1 
ATOM 531 H "H2''" . DG B 2 3  ? 2.920   12.897  -0.492  1.00 10.00 ? 17 DG B "H2''" 1 
ATOM 532 H "H1'"  . DG B 2 3  ? 3.830   13.567  1.676   1.00 10.00 ? 17 DG B "H1'"  1 
ATOM 533 H H8     . DG B 2 3  ? 0.776   15.358  0.097   1.00 10.00 ? 17 DG B H8     1 
ATOM 534 H H1     . DG B 2 3  ? 0.190   13.412  6.211   1.00 10.00 ? 17 DG B H1     1 
ATOM 535 H H21    . DG B 2 3  ? 2.193   12.687  6.942   1.00 10.00 ? 17 DG B H21    1 
ATOM 536 H H22    . DG B 2 3  ? 3.579   12.746  5.833   1.00 10.00 ? 17 DG B H22    1 
ATOM 537 P P      . DG B 2 4  ? 6.897   12.386  -0.601  1.00 10.00 ? 18 DG B P      1 
ATOM 538 O OP1    . DG B 2 4  ? 7.756   13.589  -0.510  1.00 10.00 ? 18 DG B OP1    1 
ATOM 539 O OP2    . DG B 2 4  ? 6.854   11.591  -1.844  1.00 10.00 ? 18 DG B OP2    1 
ATOM 540 O "O5'"  . DG B 2 4  ? 7.236   11.414  0.637   1.00 10.00 ? 18 DG B "O5'"  1 
ATOM 541 C "C5'"  . DG B 2 4  ? 7.792   11.918  1.842   1.00 10.00 ? 18 DG B "C5'"  1 
ATOM 542 C "C4'"  . DG B 2 4  ? 7.518   11.008  3.049   1.00 10.00 ? 18 DG B "C4'"  1 
ATOM 543 O "O4'"  . DG B 2 4  ? 6.191   11.233  3.505   1.00 10.00 ? 18 DG B "O4'"  1 
ATOM 544 C "C3'"  . DG B 2 4  ? 7.667   9.508   2.761   1.00 10.00 ? 18 DG B "C3'"  1 
ATOM 545 O "O3'"  . DG B 2 4  ? 8.249   8.893   3.902   1.00 10.00 ? 18 DG B "O3'"  1 
ATOM 546 C "C2'"  . DG B 2 4  ? 6.216   9.094   2.525   1.00 10.00 ? 18 DG B "C2'"  1 
ATOM 547 C "C1'"  . DG B 2 4  ? 5.470   10.013  3.488   1.00 10.00 ? 18 DG B "C1'"  1 
ATOM 548 N N9     . DG B 2 4  ? 4.078   10.289  3.072   1.00 10.00 ? 18 DG B N9     1 
ATOM 549 C C8     . DG B 2 4  ? 3.624   10.754  1.862   1.00 10.00 ? 18 DG B C8     1 
ATOM 550 N N7     . DG B 2 4  ? 2.336   10.964  1.816   1.00 10.00 ? 18 DG B N7     1 
ATOM 551 C C5     . DG B 2 4  ? 1.899   10.616  3.100   1.00 10.00 ? 18 DG B C5     1 
ATOM 552 C C6     . DG B 2 4  ? 0.596   10.658  3.704   1.00 10.00 ? 18 DG B C6     1 
ATOM 553 O O6     . DG B 2 4  ? -0.476  11.032  3.231   1.00 10.00 ? 18 DG B O6     1 
ATOM 554 N N1     . DG B 2 4  ? 0.585   10.220  5.014   1.00 10.00 ? 18 DG B N1     1 
ATOM 555 C C2     . DG B 2 4  ? 1.691   9.803   5.690   1.00 10.00 ? 18 DG B C2     1 
ATOM 556 N N2     . DG B 2 4  ? 1.511   9.363   6.912   1.00 10.00 ? 18 DG B N2     1 
ATOM 557 N N3     . DG B 2 4  ? 2.920   9.768   5.172   1.00 10.00 ? 18 DG B N3     1 
ATOM 558 C C4     . DG B 2 4  ? 2.961   10.189  3.871   1.00 10.00 ? 18 DG B C4     1 
ATOM 559 H "H5'"  . DG B 2 4  ? 7.371   12.902  2.057   1.00 10.00 ? 18 DG B "H5'"  1 
ATOM 560 H "H5''" . DG B 2 4  ? 8.867   12.026  1.707   1.00 10.00 ? 18 DG B "H5''" 1 
ATOM 561 H "H4'"  . DG B 2 4  ? 8.211   11.281  3.845   1.00 10.00 ? 18 DG B "H4'"  1 
ATOM 562 H "H3'"  . DG B 2 4  ? 8.280   9.325   1.876   1.00 10.00 ? 18 DG B "H3'"  1 
ATOM 563 H "H2'"  . DG B 2 4  ? 5.947   9.306   1.490   1.00 10.00 ? 18 DG B "H2'"  1 
ATOM 564 H "H2''" . DG B 2 4  ? 6.043   8.044   2.746   1.00 10.00 ? 18 DG B "H2''" 1 
ATOM 565 H "H1'"  . DG B 2 4  ? 5.481   9.569   4.487   1.00 10.00 ? 18 DG B "H1'"  1 
ATOM 566 H H8     . DG B 2 4  ? 4.288   10.947  1.029   1.00 10.00 ? 18 DG B H8     1 
ATOM 567 H H1     . DG B 2 4  ? -0.321  10.163  5.466   1.00 10.00 ? 18 DG B H1     1 
ATOM 568 H H21    . DG B 2 4  ? 0.575   9.296   7.325   1.00 10.00 ? 18 DG B H21    1 
ATOM 569 H H22    . DG B 2 4  ? 2.324   8.994   7.370   1.00 10.00 ? 18 DG B H22    1 
ATOM 570 P P      . DA B 2 5  ? 8.618   7.322   3.959   1.00 10.00 ? 19 DA B P      1 
ATOM 571 O OP1    . DA B 2 5  ? 9.939   7.185   4.611   1.00 10.00 ? 19 DA B OP1    1 
ATOM 572 O OP2    . DA B 2 5  ? 8.382   6.723   2.628   1.00 10.00 ? 19 DA B OP2    1 
ATOM 573 O "O5'"  . DA B 2 5  ? 7.493   6.767   4.969   1.00 10.00 ? 19 DA B "O5'"  1 
ATOM 574 C "C5'"  . DA B 2 5  ? 7.508   7.139   6.340   1.00 10.00 ? 19 DA B "C5'"  1 
ATOM 575 C "C4'"  . DA B 2 5  ? 6.446   6.405   7.173   1.00 10.00 ? 19 DA B "C4'"  1 
ATOM 576 O "O4'"  . DA B 2 5  ? 5.146   6.811   6.766   1.00 10.00 ? 19 DA B "O4'"  1 
ATOM 577 C "C3'"  . DA B 2 5  ? 6.529   4.879   7.053   1.00 10.00 ? 19 DA B "C3'"  1 
ATOM 578 O "O3'"  . DA B 2 5  ? 6.263   4.309   8.327   1.00 10.00 ? 19 DA B "O3'"  1 
ATOM 579 C "C2'"  . DA B 2 5  ? 5.442   4.591   6.024   1.00 10.00 ? 19 DA B "C2'"  1 
ATOM 580 C "C1'"  . DA B 2 5  ? 4.413   5.677   6.338   1.00 10.00 ? 19 DA B "C1'"  1 
ATOM 581 N N9     . DA B 2 5  ? 3.593   6.068   5.169   1.00 10.00 ? 19 DA B N9     1 
ATOM 582 C C8     . DA B 2 5  ? 4.003   6.354   3.889   1.00 10.00 ? 19 DA B C8     1 
ATOM 583 N N7     . DA B 2 5  ? 3.052   6.764   3.094   1.00 10.00 ? 19 DA B N7     1 
ATOM 584 C C5     . DA B 2 5  ? 1.921   6.742   3.921   1.00 10.00 ? 19 DA B C5     1 
ATOM 585 C C6     . DA B 2 5  ? 0.562   7.083   3.746   1.00 10.00 ? 19 DA B C6     1 
ATOM 586 N N6     . DA B 2 5  ? 0.059   7.567   2.621   1.00 10.00 ? 19 DA B N6     1 
ATOM 587 N N1     . DA B 2 5  ? -0.311  6.942   4.752   1.00 10.00 ? 19 DA B N1     1 
ATOM 588 C C2     . DA B 2 5  ? 0.140   6.483   5.915   1.00 10.00 ? 19 DA B C2     1 
ATOM 589 N N3     . DA B 2 5  ? 1.385   6.136   6.228   1.00 10.00 ? 19 DA B N3     1 
ATOM 590 C C4     . DA B 2 5  ? 2.238   6.298   5.178   1.00 10.00 ? 19 DA B C4     1 
ATOM 591 H "H5'"  . DA B 2 5  ? 7.340   8.213   6.422   1.00 10.00 ? 19 DA B "H5'"  1 
ATOM 592 H "H5''" . DA B 2 5  ? 8.489   6.909   6.757   1.00 10.00 ? 19 DA B "H5''" 1 
ATOM 593 H "H4'"  . DA B 2 5  ? 6.590   6.677   8.218   1.00 10.00 ? 19 DA B "H4'"  1 
ATOM 594 H "H3'"  . DA B 2 5  ? 7.508   4.558   6.691   1.00 10.00 ? 19 DA B "H3'"  1 
ATOM 595 H "H2'"  . DA B 2 5  ? 5.860   4.715   5.025   1.00 10.00 ? 19 DA B "H2'"  1 
ATOM 596 H "H2''" . DA B 2 5  ? 5.032   3.592   6.133   1.00 10.00 ? 19 DA B "H2''" 1 
ATOM 597 H "H1'"  . DA B 2 5  ? 3.767   5.334   7.152   1.00 10.00 ? 19 DA B "H1'"  1 
ATOM 598 H H8     . DA B 2 5  ? 5.036   6.262   3.580   1.00 10.00 ? 19 DA B H8     1 
ATOM 599 H H61    . DA B 2 5  ? -0.936  7.796   2.579   1.00 10.00 ? 19 DA B H61    1 
ATOM 600 H H62    . DA B 2 5  ? 0.666   7.695   1.831   1.00 10.00 ? 19 DA B H62    1 
ATOM 601 H H2     . DA B 2 5  ? -0.595  6.380   6.703   1.00 10.00 ? 19 DA B H2     1 
ATOM 602 P P      . DA B 2 6  ? 6.294   2.717   8.597   1.00 10.00 ? 20 DA B P      1 
ATOM 603 O OP1    . DA B 2 6  ? 6.835   2.490   9.955   1.00 10.00 ? 20 DA B OP1    1 
ATOM 604 O OP2    . DA B 2 6  ? 6.908   2.047   7.431   1.00 10.00 ? 20 DA B OP2    1 
ATOM 605 O "O5'"  . DA B 2 6  ? 4.721   2.368   8.613   1.00 10.00 ? 20 DA B "O5'"  1 
ATOM 606 C "C5'"  . DA B 2 6  ? 3.899   2.811   9.681   1.00 10.00 ? 20 DA B "C5'"  1 
ATOM 607 C "C4'"  . DA B 2 6  ? 2.441   2.355   9.535   1.00 10.00 ? 20 DA B "C4'"  1 
ATOM 608 O "O4'"  . DA B 2 6  ? 1.850   3.001   8.416   1.00 10.00 ? 20 DA B "O4'"  1 
ATOM 609 C "C3'"  . DA B 2 6  ? 2.292   0.839   9.353   1.00 10.00 ? 20 DA B "C3'"  1 
ATOM 610 O "O3'"  . DA B 2 6  ? 1.242   0.386   10.194  1.00 10.00 ? 20 DA B "O3'"  1 
ATOM 611 C "C2'"  . DA B 2 6  ? 1.970   0.729   7.866   1.00 10.00 ? 20 DA B "C2'"  1 
ATOM 612 C "C1'"  . DA B 2 6  ? 1.215   2.031   7.605   1.00 10.00 ? 20 DA B "C1'"  1 
ATOM 613 N N9     . DA B 2 6  ? 1.299   2.477   6.197   1.00 10.00 ? 20 DA B N9     1 
ATOM 614 C C8     . DA B 2 6  ? 2.415   2.573   5.402   1.00 10.00 ? 20 DA B C8     1 
ATOM 615 N N7     . DA B 2 6  ? 2.192   3.050   4.208   1.00 10.00 ? 20 DA B N7     1 
ATOM 616 C C5     . DA B 2 6  ? 0.814   3.288   4.221   1.00 10.00 ? 20 DA B C5     1 
ATOM 617 C C6     . DA B 2 6  ? -0.105  3.803   3.280   1.00 10.00 ? 20 DA B C6     1 
ATOM 618 N N6     . DA B 2 6  ? 0.244   4.219   2.074   1.00 10.00 ? 20 DA B N6     1 
ATOM 619 N N1     . DA B 2 6  ? -1.404  3.912   3.582   1.00 10.00 ? 20 DA B N1     1 
ATOM 620 C C2     . DA B 2 6  ? -1.800  3.524   4.792   1.00 10.00 ? 20 DA B C2     1 
ATOM 621 N N3     . DA B 2 6  ? -1.053  3.022   5.771   1.00 10.00 ? 20 DA B N3     1 
ATOM 622 C C4     . DA B 2 6  ? 0.260   2.936   5.423   1.00 10.00 ? 20 DA B C4     1 
ATOM 623 H "H5'"  . DA B 2 6  ? 3.923   3.900   9.727   1.00 10.00 ? 20 DA B "H5'"  1 
ATOM 624 H "H5''" . DA B 2 6  ? 4.294   2.415   10.618  1.00 10.00 ? 20 DA B "H5''" 1 
ATOM 625 H "H4'"  . DA B 2 6  ? 1.900   2.649   10.434  1.00 10.00 ? 20 DA B "H4'"  1 
ATOM 626 H "H3'"  . DA B 2 6  ? 3.219   0.314   9.592   1.00 10.00 ? 20 DA B "H3'"  1 
ATOM 627 H "H2'"  . DA B 2 6  ? 2.909   0.700   7.315   1.00 10.00 ? 20 DA B "H2'"  1 
ATOM 628 H "H2''" . DA B 2 6  ? 1.368   -0.146  7.631   1.00 10.00 ? 20 DA B "H2''" 1 
ATOM 629 H "H1'"  . DA B 2 6  ? 0.169   1.919   7.908   1.00 10.00 ? 20 DA B "H1'"  1 
ATOM 630 H H8     . DA B 2 6  ? 3.394   2.276   5.747   1.00 10.00 ? 20 DA B H8     1 
ATOM 631 H H61    . DA B 2 6  ? -0.465  4.626   1.462   1.00 10.00 ? 20 DA B H61    1 
ATOM 632 H H62    . DA B 2 6  ? 1.213   4.161   1.812   1.00 10.00 ? 20 DA B H62    1 
ATOM 633 H H2     . DA B 2 6  ? -2.858  3.619   5.002   1.00 10.00 ? 20 DA B H2     1 
ATOM 634 P P      . DT B 2 7  ? 0.809   -1.167  10.288  1.00 10.00 ? 21 DT B P      1 
ATOM 635 O OP1    . DT B 2 7  ? 0.315   -1.428  11.657  1.00 10.00 ? 21 DT B OP1    1 
ATOM 636 O OP2    . DT B 2 7  ? 1.891   -1.998  9.715   1.00 10.00 ? 21 DT B OP2    1 
ATOM 637 O "O5'"  . DT B 2 7  ? -0.444  -1.194  9.278   1.00 10.00 ? 21 DT B "O5'"  1 
ATOM 638 C "C5'"  . DT B 2 7  ? -1.640  -0.499  9.600   1.00 10.00 ? 21 DT B "C5'"  1 
ATOM 639 C "C4'"  . DT B 2 7  ? -2.678  -0.594  8.479   1.00 10.00 ? 21 DT B "C4'"  1 
ATOM 640 O "O4'"  . DT B 2 7  ? -2.196  0.062   7.316   1.00 10.00 ? 21 DT B "O4'"  1 
ATOM 641 C "C3'"  . DT B 2 7  ? -3.036  -2.038  8.098   1.00 10.00 ? 21 DT B "C3'"  1 
ATOM 642 O "O3'"  . DT B 2 7  ? -4.437  -2.217  8.248   1.00 10.00 ? 21 DT B "O3'"  1 
ATOM 643 C "C2'"  . DT B 2 7  ? -2.577  -2.122  6.643   1.00 10.00 ? 21 DT B "C2'"  1 
ATOM 644 C "C1'"  . DT B 2 7  ? -2.649  -0.661  6.192   1.00 10.00 ? 21 DT B "C1'"  1 
ATOM 645 N N1     . DT B 2 7  ? -1.790  -0.340  5.019   1.00 10.00 ? 21 DT B N1     1 
ATOM 646 C C2     . DT B 2 7  ? -2.386  0.257   3.901   1.00 10.00 ? 21 DT B C2     1 
ATOM 647 O O2     . DT B 2 7  ? -3.587  0.480   3.801   1.00 10.00 ? 21 DT B O2     1 
ATOM 648 N N3     . DT B 2 7  ? -1.550  0.587   2.858   1.00 10.00 ? 21 DT B N3     1 
ATOM 649 C C4     . DT B 2 7  ? -0.188  0.385   2.814   1.00 10.00 ? 21 DT B C4     1 
ATOM 650 O O4     . DT B 2 7  ? 0.427   0.760   1.820   1.00 10.00 ? 21 DT B O4     1 
ATOM 651 C C5     . DT B 2 7  ? 0.370   -0.259  4.000   1.00 10.00 ? 21 DT B C5     1 
ATOM 652 C C7     . DT B 2 7  ? 1.855   -0.568  4.078   1.00 10.00 ? 21 DT B C7     1 
ATOM 653 C C6     . DT B 2 7  ? -0.431  -0.587  5.048   1.00 10.00 ? 21 DT B C6     1 
ATOM 654 H "H5'"  . DT B 2 7  ? -1.410  0.553   9.775   1.00 10.00 ? 21 DT B "H5'"  1 
ATOM 655 H "H5''" . DT B 2 7  ? -2.062  -0.922  10.512  1.00 10.00 ? 21 DT B "H5''" 1 
ATOM 656 H "H4'"  . DT B 2 7  ? -3.589  -0.092  8.808   1.00 10.00 ? 21 DT B "H4'"  1 
ATOM 657 H "H3'"  . DT B 2 7  ? -2.492  -2.756  8.716   1.00 10.00 ? 21 DT B "H3'"  1 
ATOM 658 H "H2'"  . DT B 2 7  ? -1.554  -2.493  6.624   1.00 10.00 ? 21 DT B "H2'"  1 
ATOM 659 H "H2''" . DT B 2 7  ? -3.220  -2.758  6.043   1.00 10.00 ? 21 DT B "H2''" 1 
ATOM 660 H "H1'"  . DT B 2 7  ? -3.693  -0.406  5.988   1.00 10.00 ? 21 DT B "H1'"  1 
ATOM 661 H H3     . DT B 2 7  ? -1.978  1.021   2.045   1.00 10.00 ? 21 DT B H3     1 
ATOM 662 H H71    . DT B 2 7  ? 2.416   0.174   3.509   1.00 10.00 ? 21 DT B H71    1 
ATOM 663 H H72    . DT B 2 7  ? 2.197   -0.546  5.113   1.00 10.00 ? 21 DT B H72    1 
ATOM 664 H H73    . DT B 2 7  ? 2.042   -1.555  3.657   1.00 10.00 ? 21 DT B H73    1 
ATOM 665 H H6     . DT B 2 7  ? -0.004  -1.034  5.937   1.00 10.00 ? 21 DT B H6     1 
ATOM 666 P P      . DC B 2 8  ? -5.148  -3.662  8.097   1.00 10.00 ? 22 DC B P      1 
ATOM 667 O OP1    . DC B 2 8  ? -6.397  -3.646  8.889   1.00 10.00 ? 22 DC B OP1    1 
ATOM 668 O OP2    . DC B 2 8  ? -4.132  -4.711  8.333   1.00 10.00 ? 22 DC B OP2    1 
ATOM 669 O "O5'"  . DC B 2 8  ? -5.536  -3.668  6.535   1.00 10.00 ? 22 DC B "O5'"  1 
ATOM 670 C "C5'"  . DC B 2 8  ? -6.571  -2.832  6.043   1.00 10.00 ? 22 DC B "C5'"  1 
ATOM 671 C "C4'"  . DC B 2 8  ? -6.531  -2.711  4.518   1.00 10.00 ? 22 DC B "C4'"  1 
ATOM 672 O "O4'"  . DC B 2 8  ? -5.294  -2.166  4.091   1.00 10.00 ? 22 DC B "O4'"  1 
ATOM 673 C "C3'"  . DC B 2 8  ? -6.665  -4.030  3.760   1.00 10.00 ? 22 DC B "C3'"  1 
ATOM 674 O "O3'"  . DC B 2 8  ? -8.020  -4.396  3.548   1.00 10.00 ? 22 DC B "O3'"  1 
ATOM 675 C "C2'"  . DC B 2 8  ? -5.939  -3.715  2.452   1.00 10.00 ? 22 DC B "C2'"  1 
ATOM 676 C "C1'"  . DC B 2 8  ? -5.212  -2.392  2.698   1.00 10.00 ? 22 DC B "C1'"  1 
ATOM 677 N N1     . DC B 2 8  ? -3.806  -2.444  2.223   1.00 10.00 ? 22 DC B N1     1 
ATOM 678 C C2     . DC B 2 8  ? -3.509  -1.924  0.960   1.00 10.00 ? 22 DC B C2     1 
ATOM 679 O O2     . DC B 2 8  ? -4.384  -1.484  0.218   1.00 10.00 ? 22 DC B O2     1 
ATOM 680 N N3     . DC B 2 8  ? -2.229  -1.918  0.515   1.00 10.00 ? 22 DC B N3     1 
ATOM 681 C C4     . DC B 2 8  ? -1.278  -2.451  1.259   1.00 10.00 ? 22 DC B C4     1 
ATOM 682 N N4     . DC B 2 8  ? -0.061  -2.366  0.782   1.00 10.00 ? 22 DC B N4     1 
ATOM 683 C C5     . DC B 2 8  ? -1.535  -3.046  2.533   1.00 10.00 ? 22 DC B C5     1 
ATOM 684 C C6     . DC B 2 8  ? -2.818  -3.025  2.979   1.00 10.00 ? 22 DC B C6     1 
ATOM 685 H "H5'"  . DC B 2 8  ? -6.456  -1.832  6.468   1.00 10.00 ? 22 DC B "H5'"  1 
ATOM 686 H "H5''" . DC B 2 8  ? -7.536  -3.235  6.352   1.00 10.00 ? 22 DC B "H5''" 1 
ATOM 687 H "H4'"  . DC B 2 8  ? -7.339  -2.050  4.198   1.00 10.00 ? 22 DC B "H4'"  1 
ATOM 688 H "H3'"  . DC B 2 8  ? -6.130  -4.815  4.300   1.00 10.00 ? 22 DC B "H3'"  1 
ATOM 689 H "H2'"  . DC B 2 8  ? -5.245  -4.521  2.240   1.00 10.00 ? 22 DC B "H2'"  1 
ATOM 690 H "H2''" . DC B 2 8  ? -6.633  -3.583  1.624   1.00 10.00 ? 22 DC B "H2''" 1 
ATOM 691 H "H1'"  . DC B 2 8  ? -5.746  -1.589  2.181   1.00 10.00 ? 22 DC B "H1'"  1 
ATOM 692 H H41    . DC B 2 8  ? 0.035   -1.843  -0.094  1.00 10.00 ? 22 DC B H41    1 
ATOM 693 H H42    . DC B 2 8  ? 0.727   -2.724  1.283   1.00 10.00 ? 22 DC B H42    1 
ATOM 694 H H5     . DC B 2 8  ? -0.757  -3.493  3.131   1.00 10.00 ? 22 DC B H5     1 
ATOM 695 H H6     . DC B 2 8  ? -3.088  -3.461  3.934   1.00 10.00 ? 22 DC B H6     1 
ATOM 696 P P      . DT B 2 9  ? -8.429  -5.775  2.803   1.00 10.00 ? 23 DT B P      1 
ATOM 697 O OP1    . DT B 2 9  ? -9.815  -6.118  3.187   1.00 10.00 ? 23 DT B OP1    1 
ATOM 698 O OP2    . DT B 2 9  ? -7.337  -6.754  2.991   1.00 10.00 ? 23 DT B OP2    1 
ATOM 699 O "O5'"  . DT B 2 9  ? -8.433  -5.358  1.248   1.00 10.00 ? 23 DT B "O5'"  1 
ATOM 700 C "C5'"  . DT B 2 9  ? -9.320  -4.367  0.754   1.00 10.00 ? 23 DT B "C5'"  1 
ATOM 701 C "C4'"  . DT B 2 9  ? -9.109  -4.125  -0.747  1.00 10.00 ? 23 DT B "C4'"  1 
ATOM 702 O "O4'"  . DT B 2 9  ? -7.770  -3.696  -0.973  1.00 10.00 ? 23 DT B "O4'"  1 
ATOM 703 C "C3'"  . DT B 2 9  ? -9.367  -5.377  -1.594  1.00 10.00 ? 23 DT B "C3'"  1 
ATOM 704 O "O3'"  . DT B 2 9  ? -10.085 -5.012  -2.764  1.00 10.00 ? 23 DT B "O3'"  1 
ATOM 705 C "C2'"  . DT B 2 9  ? -7.953  -5.855  -1.894  1.00 10.00 ? 23 DT B "C2'"  1 
ATOM 706 C "C1'"  . DT B 2 9  ? -7.167  -4.543  -1.936  1.00 10.00 ? 23 DT B "C1'"  1 
ATOM 707 N N1     . DT B 2 9  ? -5.715  -4.697  -1.634  1.00 10.00 ? 23 DT B N1     1 
ATOM 708 C C2     . DT B 2 9  ? -4.789  -4.180  -2.551  1.00 10.00 ? 23 DT B C2     1 
ATOM 709 O O2     . DT B 2 9  ? -5.105  -3.652  -3.612  1.00 10.00 ? 23 DT B O2     1 
ATOM 710 N N3     . DT B 2 9  ? -3.456  -4.305  -2.225  1.00 10.00 ? 23 DT B N3     1 
ATOM 711 C C4     . DT B 2 9  ? -2.952  -4.919  -1.099  1.00 10.00 ? 23 DT B C4     1 
ATOM 712 O O4     . DT B 2 9  ? -1.738  -4.950  -0.933  1.00 10.00 ? 23 DT B O4     1 
ATOM 713 C C5     . DT B 2 9  ? -3.963  -5.484  -0.210  1.00 10.00 ? 23 DT B C5     1 
ATOM 714 C C7     . DT B 2 9  ? -3.530  -6.245  1.032   1.00 10.00 ? 23 DT B C7     1 
ATOM 715 C C6     . DT B 2 9  ? -5.288  -5.343  -0.488  1.00 10.00 ? 23 DT B C6     1 
ATOM 716 H "H5'"  . DT B 2 9  ? -9.148  -3.432  1.288   1.00 10.00 ? 23 DT B "H5'"  1 
ATOM 717 H "H5''" . DT B 2 9  ? -10.349 -4.685  0.928   1.00 10.00 ? 23 DT B "H5''" 1 
ATOM 718 H "H4'"  . DT B 2 9  ? -9.796  -3.342  -1.070  1.00 10.00 ? 23 DT B "H4'"  1 
ATOM 719 H "H3'"  . DT B 2 9  ? -9.924  -6.129  -1.028  1.00 10.00 ? 23 DT B "H3'"  1 
ATOM 720 H "H2'"  . DT B 2 9  ? -7.623  -6.502  -1.084  1.00 10.00 ? 23 DT B "H2'"  1 
ATOM 721 H "H2''" . DT B 2 9  ? -7.900  -6.382  -2.840  1.00 10.00 ? 23 DT B "H2''" 1 
ATOM 722 H "H1'"  . DT B 2 9  ? -7.307  -4.101  -2.927  1.00 10.00 ? 23 DT B "H1'"  1 
ATOM 723 H H3     . DT B 2 9  ? -2.776  -3.969  -2.902  1.00 10.00 ? 23 DT B H3     1 
ATOM 724 H H71    . DT B 2 9  ? -4.387  -6.699  1.533   1.00 10.00 ? 23 DT B H71    1 
ATOM 725 H H72    . DT B 2 9  ? -2.829  -7.030  0.747   1.00 10.00 ? 23 DT B H72    1 
ATOM 726 H H73    . DT B 2 9  ? -3.028  -5.565  1.719   1.00 10.00 ? 23 DT B H73    1 
ATOM 727 H H6     . DT B 2 9  ? -6.028  -5.734  0.203   1.00 10.00 ? 23 DT B H6     1 
ATOM 728 P P      . DC B 2 10 ? -10.642 -6.110  -3.814  1.00 10.00 ? 24 DC B P      1 
ATOM 729 O OP1    . DC B 2 10 ? -11.827 -5.540  -4.491  1.00 10.00 ? 24 DC B OP1    1 
ATOM 730 O OP2    . DC B 2 10 ? -10.737 -7.414  -3.123  1.00 10.00 ? 24 DC B OP2    1 
ATOM 731 O "O5'"  . DC B 2 10 ? -9.441  -6.193  -4.883  1.00 10.00 ? 24 DC B "O5'"  1 
ATOM 732 C "C5'"  . DC B 2 10 ? -9.159  -5.097  -5.739  1.00 10.00 ? 24 DC B "C5'"  1 
ATOM 733 C "C4'"  . DC B 2 10 ? -7.879  -5.320  -6.553  1.00 10.00 ? 24 DC B "C4'"  1 
ATOM 734 O "O4'"  . DC B 2 10 ? -6.769  -5.400  -5.670  1.00 10.00 ? 24 DC B "O4'"  1 
ATOM 735 C "C3'"  . DC B 2 10 ? -7.893  -6.598  -7.407  1.00 10.00 ? 24 DC B "C3'"  1 
ATOM 736 O "O3'"  . DC B 2 10 ? -7.495  -6.270  -8.731  1.00 10.00 ? 24 DC B "O3'"  1 
ATOM 737 C "C2'"  . DC B 2 10 ? -6.865  -7.470  -6.693  1.00 10.00 ? 24 DC B "C2'"  1 
ATOM 738 C "C1'"  . DC B 2 10 ? -5.908  -6.408  -6.153  1.00 10.00 ? 24 DC B "C1'"  1 
ATOM 739 N N1     . DC B 2 10 ? -5.014  -6.876  -5.059  1.00 10.00 ? 24 DC B N1     1 
ATOM 740 C C2     . DC B 2 10 ? -3.638  -6.630  -5.152  1.00 10.00 ? 24 DC B C2     1 
ATOM 741 O O2     . DC B 2 10 ? -3.134  -6.095  -6.138  1.00 10.00 ? 24 DC B O2     1 
ATOM 742 N N3     . DC B 2 10 ? -2.813  -7.030  -4.153  1.00 10.00 ? 24 DC B N3     1 
ATOM 743 C C4     . DC B 2 10 ? -3.311  -7.655  -3.102  1.00 10.00 ? 24 DC B C4     1 
ATOM 744 N N4     . DC B 2 10 ? -2.456  -8.026  -2.184  1.00 10.00 ? 24 DC B N4     1 
ATOM 745 C C5     . DC B 2 10 ? -4.700  -7.940  -2.960  1.00 10.00 ? 24 DC B C5     1 
ATOM 746 C C6     . DC B 2 10 ? -5.519  -7.530  -3.960  1.00 10.00 ? 24 DC B C6     1 
ATOM 747 H "H5'"  . DC B 2 10 ? -9.034  -4.194  -5.141  1.00 10.00 ? 24 DC B "H5'"  1 
ATOM 748 H "H5''" . DC B 2 10 ? -9.998  -4.951  -6.421  1.00 10.00 ? 24 DC B "H5''" 1 
ATOM 749 H "H4'"  . DC B 2 10 ? -7.739  -4.466  -7.216  1.00 10.00 ? 24 DC B "H4'"  1 
ATOM 750 H "H3'"  . DC B 2 10 ? -8.877  -7.070  -7.408  1.00 10.00 ? 24 DC B "H3'"  1 
ATOM 751 H "H2'"  . DC B 2 10 ? -7.370  -8.008  -5.893  1.00 10.00 ? 24 DC B "H2'"  1 
ATOM 752 H "H2''" . DC B 2 10 ? -6.372  -8.169  -7.365  1.00 10.00 ? 24 DC B "H2''" 1 
ATOM 753 H "H1'"  . DC B 2 10 ? -5.321  -6.007  -6.988  1.00 10.00 ? 24 DC B "H1'"  1 
ATOM 754 H H41    . DC B 2 10 ? -1.477  -7.773  -2.358  1.00 10.00 ? 24 DC B H41    1 
ATOM 755 H H42    . DC B 2 10 ? -2.743  -8.500  -1.351  1.00 10.00 ? 24 DC B H42    1 
ATOM 756 H H5     . DC B 2 10 ? -5.104  -8.445  -2.097  1.00 10.00 ? 24 DC B H5     1 
ATOM 757 H H6     . DC B 2 10 ? -6.585  -7.708  -3.899  1.00 10.00 ? 24 DC B H6     1 
ATOM 758 P P      . DC B 2 11 ? -7.482  -7.353  -9.931  1.00 10.00 ? 25 DC B P      1 
ATOM 759 O OP1    . DC B 2 11 ? -8.110  -6.733  -11.118 1.00 10.00 ? 25 DC B OP1    1 
ATOM 760 O OP2    . DC B 2 11 ? -7.988  -8.644  -9.415  1.00 10.00 ? 25 DC B OP2    1 
ATOM 761 O "O5'"  . DC B 2 11 ? -5.902  -7.511  -10.210 1.00 10.00 ? 25 DC B "O5'"  1 
ATOM 762 C "C5'"  . DC B 2 11 ? -5.170  -6.465  -10.834 1.00 10.00 ? 25 DC B "C5'"  1 
ATOM 763 C "C4'"  . DC B 2 11 ? -3.715  -6.855  -11.132 1.00 10.00 ? 25 DC B "C4'"  1 
ATOM 764 O "O4'"  . DC B 2 11 ? -3.010  -7.022  -9.909  1.00 10.00 ? 25 DC B "O4'"  1 
ATOM 765 C "C3'"  . DC B 2 11 ? -3.596  -8.153  -11.944 1.00 10.00 ? 25 DC B "C3'"  1 
ATOM 766 O "O3'"  . DC B 2 11 ? -2.627  -7.989  -12.970 1.00 10.00 ? 25 DC B "O3'"  1 
ATOM 767 C "C2'"  . DC B 2 11 ? -3.158  -9.153  -10.884 1.00 10.00 ? 25 DC B "C2'"  1 
ATOM 768 C "C1'"  . DC B 2 11 ? -2.358  -8.277  -9.919  1.00 10.00 ? 25 DC B "C1'"  1 
ATOM 769 N N1     . DC B 2 11 ? -2.335  -8.821  -8.534  1.00 10.00 ? 25 DC B N1     1 
ATOM 770 C C2     . DC B 2 11 ? -1.110  -9.138  -7.937  1.00 10.00 ? 25 DC B C2     1 
ATOM 771 O O2     . DC B 2 11 ? -0.043  -8.999  -8.531  1.00 10.00 ? 25 DC B O2     1 
ATOM 772 N N3     . DC B 2 11 ? -1.080  -9.637  -6.677  1.00 10.00 ? 25 DC B N3     1 
ATOM 773 C C4     . DC B 2 11 ? -2.215  -9.846  -6.032  1.00 10.00 ? 25 DC B C4     1 
ATOM 774 N N4     . DC B 2 11 ? -2.116  -10.315 -4.813  1.00 10.00 ? 25 DC B N4     1 
ATOM 775 C C5     . DC B 2 11 ? -3.492  -9.547  -6.595  1.00 10.00 ? 25 DC B C5     1 
ATOM 776 C C6     . DC B 2 11 ? -3.508  -9.017  -7.846  1.00 10.00 ? 25 DC B C6     1 
ATOM 777 H "H5'"  . DC B 2 11 ? -5.177  -5.586  -10.189 1.00 10.00 ? 25 DC B "H5'"  1 
ATOM 778 H "H5''" . DC B 2 11 ? -5.656  -6.206  -11.776 1.00 10.00 ? 25 DC B "H5''" 1 
ATOM 779 H "H4'"  . DC B 2 11 ? -3.252  -6.048  -11.701 1.00 10.00 ? 25 DC B "H4'"  1 
ATOM 780 H "H3'"  . DC B 2 11 ? -4.557  -8.439  -12.377 1.00 10.00 ? 25 DC B "H3'"  1 
ATOM 781 H "H2'"  . DC B 2 11 ? -4.047  -9.567  -10.410 1.00 10.00 ? 25 DC B "H2'"  1 
ATOM 782 H "H2''" . DC B 2 11 ? -2.550  -9.951  -11.301 1.00 10.00 ? 25 DC B "H2''" 1 
ATOM 783 H "H1'"  . DC B 2 11 ? -1.344  -8.154  -10.313 1.00 10.00 ? 25 DC B "H1'"  1 
ATOM 784 H H41    . DC B 2 11 ? -1.166  -10.431 -4.448  1.00 10.00 ? 25 DC B H41    1 
ATOM 785 H H42    . DC B 2 11 ? -2.926  -10.465 -4.249  1.00 10.00 ? 25 DC B H42    1 
ATOM 786 H H5     . DC B 2 11 ? -4.415  -9.709  -6.062  1.00 10.00 ? 25 DC B H5     1 
ATOM 787 H H6     . DC B 2 11 ? -4.438  -8.739  -8.329  1.00 10.00 ? 25 DC B H6     1 
ATOM 788 P P      . DT B 2 12 ? -2.335  -9.135  -14.073 1.00 10.00 ? 26 DT B P      1 
ATOM 789 O OP1    . DT B 2 12 ? -2.100  -8.475  -15.375 1.00 10.00 ? 26 DT B OP1    1 
ATOM 790 O OP2    . DT B 2 12 ? -3.366  -10.188 -13.950 1.00 10.00 ? 26 DT B OP2    1 
ATOM 791 O "O5'"  . DT B 2 12 ? -0.937  -9.747  -13.554 1.00 10.00 ? 26 DT B "O5'"  1 
ATOM 792 C "C5'"  . DT B 2 12 ? 0.257   -8.986  -13.639 1.00 10.00 ? 26 DT B "C5'"  1 
ATOM 793 C "C4'"  . DT B 2 12 ? 1.481   -9.764  -13.140 1.00 10.00 ? 26 DT B "C4'"  1 
ATOM 794 O "O4'"  . DT B 2 12 ? 1.333   -10.029 -11.753 1.00 10.00 ? 26 DT B "O4'"  1 
ATOM 795 C "C3'"  . DT B 2 12 ? 1.698   -11.095 -13.872 1.00 10.00 ? 26 DT B "C3'"  1 
ATOM 796 O "O3'"  . DT B 2 12 ? 3.071   -11.215 -14.211 1.00 10.00 ? 26 DT B "O3'"  1 
ATOM 797 C "C2'"  . DT B 2 12 ? 1.246   -12.117 -12.832 1.00 10.00 ? 26 DT B "C2'"  1 
ATOM 798 C "C1'"  . DT B 2 12 ? 1.582   -11.402 -11.519 1.00 10.00 ? 26 DT B "C1'"  1 
ATOM 799 N N1     . DT B 2 12 ? 0.774   -11.838 -10.347 1.00 10.00 ? 26 DT B N1     1 
ATOM 800 C C2     . DT B 2 12 ? 1.447   -12.138 -9.157  1.00 10.00 ? 26 DT B C2     1 
ATOM 801 O O2     . DT B 2 12 ? 2.669   -12.126 -9.040  1.00 10.00 ? 26 DT B O2     1 
ATOM 802 N N3     . DT B 2 12 ? 0.667   -12.488 -8.077  1.00 10.00 ? 26 DT B N3     1 
ATOM 803 C C4     . DT B 2 12 ? -0.705  -12.616 -8.078  1.00 10.00 ? 26 DT B C4     1 
ATOM 804 O O4     . DT B 2 12 ? -1.269  -12.955 -7.041  1.00 10.00 ? 26 DT B O4     1 
ATOM 805 C C5     . DT B 2 12 ? -1.347  -12.308 -9.351  1.00 10.00 ? 26 DT B C5     1 
ATOM 806 C C7     . DT B 2 12 ? -2.855  -12.424 -9.484  1.00 10.00 ? 26 DT B C7     1 
ATOM 807 C C6     . DT B 2 12 ? -0.604  -11.918 -10.422 1.00 10.00 ? 26 DT B C6     1 
ATOM 808 H "H5'"  . DT B 2 12 ? 0.148   -8.080  -13.042 1.00 10.00 ? 26 DT B "H5'"  1 
ATOM 809 H "H5''" . DT B 2 12 ? 0.424   -8.700  -14.679 1.00 10.00 ? 26 DT B "H5''" 1 
ATOM 810 H "H4'"  . DT B 2 12 ? 2.365   -9.143  -13.288 1.00 10.00 ? 26 DT B "H4'"  1 
ATOM 811 H "H3'"  . DT B 2 12 ? 1.080   -11.155 -14.772 1.00 10.00 ? 26 DT B "H3'"  1 
ATOM 812 H "H2'"  . DT B 2 12 ? 0.176   -12.272 -12.950 1.00 10.00 ? 26 DT B "H2'"  1 
ATOM 813 H "H2''" . DT B 2 12 ? 1.769   -13.066 -12.916 1.00 10.00 ? 26 DT B "H2''" 1 
ATOM 814 H "H1'"  . DT B 2 12 ? 2.650   -11.538 -11.322 1.00 10.00 ? 26 DT B "H1'"  1 
ATOM 815 H H3     . DT B 2 12 ? 1.158   -12.717 -7.219  1.00 10.00 ? 26 DT B H3     1 
ATOM 816 H H71    . DT B 2 12 ? -3.336  -11.720 -8.805  1.00 10.00 ? 26 DT B H71    1 
ATOM 817 H H72    . DT B 2 12 ? -3.177  -12.223 -10.505 1.00 10.00 ? 26 DT B H72    1 
ATOM 818 H H73    . DT B 2 12 ? -3.158  -13.436 -9.213  1.00 10.00 ? 26 DT B H73    1 
ATOM 819 H H6     . DT B 2 12 ? -1.094  -11.656 -11.349 1.00 10.00 ? 26 DT B H6     1 
ATOM 820 P P      . DG B 2 13 ? 3.632   -12.417 -15.135 1.00 10.00 ? 27 DG B P      1 
ATOM 821 O OP1    . DG B 2 13 ? 4.891   -11.966 -15.765 1.00 10.00 ? 27 DG B OP1    1 
ATOM 822 O OP2    . DG B 2 13 ? 2.524   -12.926 -15.971 1.00 10.00 ? 27 DG B OP2    1 
ATOM 823 O "O5'"  . DG B 2 13 ? 3.990   -13.528 -14.029 1.00 10.00 ? 27 DG B "O5'"  1 
ATOM 824 C "C5'"  . DG B 2 13 ? 5.085   -13.339 -13.150 1.00 10.00 ? 27 DG B "C5'"  1 
ATOM 825 C "C4'"  . DG B 2 13 ? 5.109   -14.385 -12.032 1.00 10.00 ? 27 DG B "C4'"  1 
ATOM 826 O "O4'"  . DG B 2 13 ? 4.018   -14.192 -11.140 1.00 10.00 ? 27 DG B "O4'"  1 
ATOM 827 C "C3'"  . DG B 2 13 ? 5.055   -15.843 -12.518 1.00 10.00 ? 27 DG B "C3'"  1 
ATOM 828 O "O3'"  . DG B 2 13 ? 6.228   -16.506 -12.062 1.00 10.00 ? 27 DG B "O3'"  1 
ATOM 829 C "C2'"  . DG B 2 13 ? 3.774   -16.356 -11.856 1.00 10.00 ? 27 DG B "C2'"  1 
ATOM 830 C "C1'"  . DG B 2 13 ? 3.705   -15.466 -10.623 1.00 10.00 ? 27 DG B "C1'"  1 
ATOM 831 N N9     . DG B 2 13 ? 2.386   -15.492 -9.955  1.00 10.00 ? 27 DG B N9     1 
ATOM 832 C C8     . DG B 2 13 ? 1.139   -15.264 -10.483 1.00 10.00 ? 27 DG B C8     1 
ATOM 833 N N7     . DG B 2 13 ? 0.160   -15.443 -9.638  1.00 10.00 ? 27 DG B N7     1 
ATOM 834 C C5     . DG B 2 13 ? 0.804   -15.828 -8.456  1.00 10.00 ? 27 DG B C5     1 
ATOM 835 C C6     . DG B 2 13 ? 0.297   -16.184 -7.157  1.00 10.00 ? 27 DG B C6     1 
ATOM 836 O O6     . DG B 2 13 ? -0.859  -16.225 -6.739  1.00 10.00 ? 27 DG B O6     1 
ATOM 837 N N1     . DG B 2 13 ? 1.293   -16.536 -6.264  1.00 10.00 ? 27 DG B N1     1 
ATOM 838 C C2     . DG B 2 13 ? 2.621   -16.509 -6.549  1.00 10.00 ? 27 DG B C2     1 
ATOM 839 N N2     . DG B 2 13 ? 3.449   -16.859 -5.595  1.00 10.00 ? 27 DG B N2     1 
ATOM 840 N N3     . DG B 2 13 ? 3.131   -16.170 -7.731  1.00 10.00 ? 27 DG B N3     1 
ATOM 841 C C4     . DG B 2 13 ? 2.171   -15.844 -8.645  1.00 10.00 ? 27 DG B C4     1 
ATOM 842 H "H5'"  . DG B 2 13 ? 5.022   -12.349 -12.696 1.00 10.00 ? 27 DG B "H5'"  1 
ATOM 843 H "H5''" . DG B 2 13 ? 6.012   -13.403 -13.722 1.00 10.00 ? 27 DG B "H5''" 1 
ATOM 844 H "H4'"  . DG B 2 13 ? 6.032   -14.251 -11.467 1.00 10.00 ? 27 DG B "H4'"  1 
ATOM 845 H "H3'"  . DG B 2 13 ? 4.978   -15.904 -13.605 1.00 10.00 ? 27 DG B "H3'"  1 
ATOM 846 H "H2'"  . DG B 2 13 ? 2.930   -16.159 -12.516 1.00 10.00 ? 27 DG B "H2'"  1 
ATOM 847 H "H2''" . DG B 2 13 ? 3.818   -17.413 -11.595 1.00 10.00 ? 27 DG B "H2''" 1 
ATOM 848 H "H1'"  . DG B 2 13 ? 4.476   -15.775 -9.911  1.00 10.00 ? 27 DG B "H1'"  1 
ATOM 849 H H8     . DG B 2 13 ? 0.989   -14.960 -11.508 1.00 10.00 ? 27 DG B H8     1 
ATOM 850 H H1     . DG B 2 13 ? 0.992   -16.758 -5.321  1.00 10.00 ? 27 DG B H1     1 
ATOM 851 H H21    . DG B 2 13 ? 3.107   -17.147 -4.670  1.00 10.00 ? 27 DG B H21    1 
ATOM 852 H H22    . DG B 2 13 ? 4.424   -16.769 -5.813  1.00 10.00 ? 27 DG B H22    1 
ATOM 853 P P      . DG B 2 14 ? 6.512   -18.073 -12.333 1.00 10.00 ? 28 DG B P      1 
ATOM 854 O OP1    . DG B 2 14 ? 7.967   -18.268 -12.510 1.00 10.00 ? 28 DG B OP1    1 
ATOM 855 O OP2    . DG B 2 14 ? 5.565   -18.571 -13.353 1.00 10.00 ? 28 DG B OP2    1 
ATOM 856 O "O5'"  . DG B 2 14 ? 6.098   -18.706 -10.911 1.00 10.00 ? 28 DG B "O5'"  1 
ATOM 857 C "C5'"  . DG B 2 14 ? 6.919   -18.509 -9.771  1.00 10.00 ? 28 DG B "C5'"  1 
ATOM 858 C "C4'"  . DG B 2 14 ? 6.446   -19.330 -8.567  1.00 10.00 ? 28 DG B "C4'"  1 
ATOM 859 O "O4'"  . DG B 2 14 ? 5.350   -18.727 -7.906  1.00 10.00 ? 28 DG B "O4'"  1 
ATOM 860 C "C3'"  . DG B 2 14 ? 5.968   -20.737 -8.920  1.00 10.00 ? 28 DG B "C3'"  1 
ATOM 861 O "O3'"  . DG B 2 14 ? 7.031   -21.632 -9.184  1.00 10.00 ? 28 DG B "O3'"  1 
ATOM 862 C "C2'"  . DG B 2 14 ? 5.227   -21.090 -7.639  1.00 10.00 ? 28 DG B "C2'"  1 
ATOM 863 C "C1'"  . DG B 2 14 ? 4.619   -19.741 -7.231  1.00 10.00 ? 28 DG B "C1'"  1 
ATOM 864 N N9     . DG B 2 14 ? 3.193   -19.648 -7.607  1.00 10.00 ? 28 DG B N9     1 
ATOM 865 C C8     . DG B 2 14 ? 2.631   -19.312 -8.814  1.00 10.00 ? 28 DG B C8     1 
ATOM 866 N N7     . DG B 2 14 ? 1.325   -19.289 -8.803  1.00 10.00 ? 28 DG B N7     1 
ATOM 867 C C5     . DG B 2 14 ? 0.994   -19.622 -7.484  1.00 10.00 ? 28 DG B C5     1 
ATOM 868 C C6     . DG B 2 14 ? -0.272  -19.728 -6.809  1.00 10.00 ? 28 DG B C6     1 
ATOM 869 O O6     . DG B 2 14 ? -1.414  -19.566 -7.236  1.00 10.00 ? 28 DG B O6     1 
ATOM 870 N N1     . DG B 2 14 ? -0.148  -20.061 -5.473  1.00 10.00 ? 28 DG B N1     1 
ATOM 871 C C2     . DG B 2 14 ? 1.037   -20.271 -4.839  1.00 10.00 ? 28 DG B C2     1 
ATOM 872 N N2     . DG B 2 14 ? 0.987   -20.567 -3.561  1.00 10.00 ? 28 DG B N2     1 
ATOM 873 N N3     . DG B 2 14 ? 2.227   -20.194 -5.432  1.00 10.00 ? 28 DG B N3     1 
ATOM 874 C C4     . DG B 2 14 ? 2.139   -19.854 -6.753  1.00 10.00 ? 28 DG B C4     1 
ATOM 875 H "H5'"  . DG B 2 14 ? 6.936   -17.452 -9.506  1.00 10.00 ? 28 DG B "H5'"  1 
ATOM 876 H "H5''" . DG B 2 14 ? 7.936   -18.820 -10.016 1.00 10.00 ? 28 DG B "H5''" 1 
ATOM 877 H "H4'"  . DG B 2 14 ? 7.270   -19.407 -7.856  1.00 10.00 ? 28 DG B "H4'"  1 
ATOM 878 H "H3'"  . DG B 2 14 ? 5.262   -20.702 -9.752  1.00 10.00 ? 28 DG B "H3'"  1 
ATOM 879 H "HO3'" . DG B 2 14 ? 7.414   -21.394 -10.035 1.00 10.00 ? 28 DG B "HO3'" 1 
ATOM 880 H "H2'"  . DG B 2 14 ? 4.471   -21.857 -7.810  1.00 10.00 ? 28 DG B "H2'"  1 
ATOM 881 H "H2''" . DG B 2 14 ? 5.936   -21.417 -6.877  1.00 10.00 ? 28 DG B "H2''" 1 
ATOM 882 H "H1'"  . DG B 2 14 ? 4.697   -19.609 -6.149  1.00 10.00 ? 28 DG B "H1'"  1 
ATOM 883 H H8     . DG B 2 14 ? 3.228   -19.072 -9.685  1.00 10.00 ? 28 DG B H8     1 
ATOM 884 H H1     . DG B 2 14 ? -1.006  -20.066 -4.933  1.00 10.00 ? 28 DG B H1     1 
ATOM 885 H H21    . DG B 2 14 ? 0.094   -20.623 -3.058  1.00 10.00 ? 28 DG B H21    1 
ATOM 886 H H22    . DG B 2 14 ? 1.870   -20.632 -3.087  1.00 10.00 ? 28 DG B H22    1 
# 
